data_6XDG
#
_entry.id   6XDG
#
_cell.length_a   1.00
_cell.length_b   1.00
_cell.length_c   1.00
_cell.angle_alpha   90.00
_cell.angle_beta   90.00
_cell.angle_gamma   90.00
#
_symmetry.space_group_name_H-M   'P 1'
#
loop_
_entity.id
_entity.type
_entity.pdbx_description
1 polymer 'Spike protein S1'
2 polymer 'REGN10933 antibody Fab fragment light chain'
3 polymer 'REGN10933 antibody Fab fragment heavy chain'
4 polymer 'REGN10987 antibody Fab fragment heavy chain'
5 polymer 'REGN10987 antibody Fab fragment light chain'
6 branched alpha-D-mannopyranose-(1-6)-beta-D-mannopyranose-(1-4)-2-acetamido-2-deoxy-beta-D-glucopyranose-(1-4)-2-acetamido-2-deoxy-beta-D-glucopyranose
#
loop_
_entity_poly.entity_id
_entity_poly.type
_entity_poly.pdbx_seq_one_letter_code
_entity_poly.pdbx_strand_id
1 'polypeptide(L)'
;RVQPTESIVRFPNITNLCPFGEVFNATRFASVYAWNRKRISNCVADYSVLYNSASFSTFKCYGVSPTKLNDLCFTNVYAD
SFVIRGDEVRQIAPGQTGKIADYNYKLPDDFTGCVIAWNSNNLDSKVGGNYNYLYRLFRKSNLKPFERDISTEIYQAGST
PCNGVEGFNCYFPLQSYGFQPTNGVGYQPYRVVVLSFELLHAPATVCGPKKSTNLVKNKCVNFEQKLISEEDLGGEQKLI
SEEDLHHHHHH
;
E
2 'polypeptide(L)'
;DIQMTQSPSSLSASVGDRVTITCQASQDITNYLNWYQQKPGKAPKLLIYAASNLETGVPSRFSGSGSGTDFTFTISGLQP
EDIATYYCQQYDNLPLTFGGGTKVEIKRTVAAPSVFIFPPSDEQLKSGTASVVCLLNNFYPREAKVQWKVDNALQSGNSQ
ESVTEQDSKDSTYSLSSTLTLSKADYEKHKVYACEVTHQGLSSPVTKSFNRGEC
;
D
3 'polypeptide(L)'
;QVQLVESGGGLVKPGGSLRLSCAASGFTFSDYYMSWIRQAPGKGLEWVSYITYSGSTIYYADSVKGRFTISRDNAKSSLY
LQMNSLRAEDTAVYYCARDRGTTMVPFDYWGQGTLVTVSSASTKGPSVFPLAPSSKSTSGGTAALGCLVKDYFPEPVTVS
WNSGALTSGVHTFPAVLQSSGLYSLSSVVTVPSSSLGTQTYICNVNHKPSNTKVDKKVEPKSCDKT
;
B
4 'polypeptide(L)'
;QVQLVESGGGVVQPGRSLRLSCAASGFTFSNYAMYWVRQAPGKGLEWVAVISYDGSNKYYADSVKGRFTISRDNSKNTLY
LQMNSLRTEDTAVYYCASGSDYGDYLLVYWGQGTLVTVSSASTKGPSVFPLAPSSKSTSGGTAALGCLVKDYFPEPVTVS
WNSGALTSGVHTFPAVLQSSGLYSLSSVVTVPSSSLGTQTYICNVNHKPSNTKVDKKVEPKSCDK
;
C
5 'polypeptide(L)'
;QSALTQPASVSGSPGQSITISCTGTSSDVGGYNYVSWYQQHPGKAPKLMIYDVSKRPSGVSNRFSGSKSGNTASLTISGL
QSEDEADYYCNSLTSISTWVFGGGTKLTVLGQPKAAPSVTLFPPSSEELQANKATLVCLISDFYPGAVTVAWKADSSPVK
AGVETTTPSKQSNNKYAASSYLSLTPEQWKSHRSYSCQVTHEGSTVEKTVAPTECS
;
A
#
# COMPACT_ATOMS: atom_id res chain seq x y z
N THR A 15 10.84 52.82 15.94
CA THR A 15 9.46 52.70 15.54
C THR A 15 9.30 51.75 14.35
N ASN A 16 9.73 50.52 14.53
CA ASN A 16 9.65 49.51 13.48
C ASN A 16 8.73 48.38 13.91
N LEU A 17 8.20 47.67 12.91
CA LEU A 17 7.29 46.56 13.12
C LEU A 17 8.06 45.31 13.52
N CYS A 18 7.35 44.36 14.10
CA CYS A 18 7.96 43.08 14.44
C CYS A 18 8.17 42.26 13.17
N PRO A 19 9.35 41.69 12.98
CA PRO A 19 9.62 40.94 11.75
C PRO A 19 8.87 39.62 11.68
N PHE A 20 7.54 39.68 11.84
CA PHE A 20 6.74 38.46 11.78
C PHE A 20 6.88 37.76 10.44
N GLY A 21 7.15 38.51 9.38
CA GLY A 21 7.31 37.90 8.07
C GLY A 21 8.35 36.80 8.07
N GLU A 22 9.57 37.13 8.51
CA GLU A 22 10.63 36.15 8.50
C GLU A 22 10.41 35.04 9.52
N VAL A 23 9.56 35.27 10.53
CA VAL A 23 9.29 34.22 11.51
C VAL A 23 8.29 33.22 10.95
N PHE A 24 7.07 33.69 10.67
CA PHE A 24 6.03 32.79 10.19
C PHE A 24 6.36 32.26 8.81
N ASN A 25 6.67 33.16 7.88
CA ASN A 25 6.98 32.80 6.51
C ASN A 25 8.38 32.23 6.36
N ALA A 26 9.03 31.85 7.45
CA ALA A 26 10.36 31.27 7.37
C ALA A 26 10.36 30.05 6.46
N THR A 27 11.51 29.79 5.85
CA THR A 27 11.63 28.68 4.91
C THR A 27 12.18 27.42 5.55
N ARG A 28 12.62 27.48 6.81
CA ARG A 28 13.16 26.31 7.48
C ARG A 28 12.78 26.34 8.95
N PHE A 29 12.32 25.20 9.46
CA PHE A 29 11.90 25.08 10.85
C PHE A 29 12.66 23.95 11.53
N ALA A 30 12.88 24.13 12.83
CA ALA A 30 13.60 23.14 13.64
C ALA A 30 12.62 22.18 14.30
N SER A 31 13.10 20.99 14.60
CA SER A 31 12.23 19.98 15.21
C SER A 31 11.90 20.37 16.65
N VAL A 32 10.97 19.62 17.24
CA VAL A 32 10.35 20.08 18.48
C VAL A 32 11.31 20.00 19.65
N TYR A 33 12.11 18.94 19.74
CA TYR A 33 13.04 18.84 20.85
C TYR A 33 14.11 19.92 20.76
N ALA A 34 14.56 20.24 19.55
CA ALA A 34 15.49 21.35 19.33
C ALA A 34 14.76 22.62 18.96
N TRP A 35 13.53 22.78 19.46
CA TRP A 35 12.71 23.95 19.15
C TRP A 35 13.48 25.24 19.28
N ASN A 36 13.30 26.12 18.30
CA ASN A 36 14.02 27.37 18.19
C ASN A 36 13.31 28.47 18.94
N ARG A 37 14.04 29.55 19.22
CA ARG A 37 13.51 30.68 19.97
C ARG A 37 14.07 31.98 19.41
N LYS A 38 13.21 32.97 19.28
CA LYS A 38 13.60 34.31 18.83
C LYS A 38 12.99 35.34 19.76
N ARG A 39 13.82 36.06 20.49
CA ARG A 39 13.34 37.14 21.34
C ARG A 39 12.98 38.34 20.48
N ILE A 40 11.75 38.83 20.64
CA ILE A 40 11.24 39.93 19.85
C ILE A 40 10.70 40.99 20.80
N SER A 41 10.92 42.25 20.46
CA SER A 41 10.49 43.35 21.34
C SER A 41 10.58 44.66 20.56
N ASN A 42 10.03 45.72 21.18
CA ASN A 42 10.13 47.08 20.68
C ASN A 42 9.52 47.23 19.29
N CYS A 43 8.21 47.03 19.22
CA CYS A 43 7.49 47.11 17.96
C CYS A 43 6.24 47.96 18.09
N VAL A 44 5.64 48.25 16.94
CA VAL A 44 4.22 48.54 16.82
C VAL A 44 3.59 47.32 16.17
N ALA A 45 2.62 46.72 16.85
CA ALA A 45 2.15 45.38 16.51
C ALA A 45 0.72 45.42 15.98
N ASP A 46 0.51 44.79 14.84
CA ASP A 46 -0.83 44.58 14.28
C ASP A 46 -1.01 43.08 14.17
N TYR A 47 -1.73 42.50 15.12
CA TYR A 47 -2.04 41.08 15.05
C TYR A 47 -3.24 40.80 14.18
N SER A 48 -4.04 41.82 13.86
CA SER A 48 -5.26 41.59 13.10
C SER A 48 -4.97 41.11 11.69
N VAL A 49 -3.82 41.45 11.13
CA VAL A 49 -3.47 40.96 9.81
C VAL A 49 -3.40 39.45 9.80
N LEU A 50 -2.96 38.85 10.91
CA LEU A 50 -3.01 37.40 11.03
C LEU A 50 -4.41 36.95 11.45
N TYR A 51 -4.99 37.66 12.42
CA TYR A 51 -6.26 37.23 13.01
C TYR A 51 -7.34 37.08 11.95
N ASN A 52 -7.46 38.07 11.07
CA ASN A 52 -8.46 38.05 10.01
C ASN A 52 -7.93 37.43 8.71
N SER A 53 -6.68 36.96 8.71
CA SER A 53 -6.15 36.31 7.52
C SER A 53 -6.94 35.08 7.14
N ALA A 54 -7.54 34.41 8.13
CA ALA A 54 -8.42 33.27 7.90
C ALA A 54 -7.71 32.17 7.11
N SER A 55 -6.38 32.18 7.12
CA SER A 55 -5.59 31.14 6.49
C SER A 55 -5.04 30.14 7.51
N PHE A 56 -5.49 30.24 8.76
CA PHE A 56 -5.01 29.42 9.85
C PHE A 56 -6.08 28.42 10.28
N SER A 57 -5.75 27.14 10.23
CA SER A 57 -6.72 26.11 10.59
C SER A 57 -7.10 26.15 12.06
N THR A 58 -6.31 26.81 12.90
CA THR A 58 -6.58 26.86 14.33
C THR A 58 -5.93 28.09 14.92
N PHE A 59 -6.63 28.74 15.83
CA PHE A 59 -6.11 29.96 16.47
C PHE A 59 -6.77 30.09 17.84
N LYS A 60 -6.06 29.70 18.88
CA LYS A 60 -6.54 29.82 20.25
C LYS A 60 -5.45 30.43 21.12
N CYS A 61 -5.87 31.05 22.22
CA CYS A 61 -4.97 31.32 23.34
C CYS A 61 -5.76 31.82 24.53
N TYR A 62 -5.04 31.99 25.63
CA TYR A 62 -5.63 31.96 26.97
C TYR A 62 -5.01 33.08 27.79
N GLY A 63 -5.86 33.90 28.39
CA GLY A 63 -5.40 34.97 29.25
C GLY A 63 -5.87 36.33 28.76
N VAL A 64 -5.82 36.54 27.44
CA VAL A 64 -6.33 37.74 26.79
C VAL A 64 -6.90 37.34 25.43
N SER A 65 -8.05 37.90 25.09
CA SER A 65 -8.63 37.66 23.78
C SER A 65 -7.82 38.38 22.69
N PRO A 66 -7.82 37.85 21.46
CA PRO A 66 -7.03 38.48 20.39
C PRO A 66 -7.37 39.94 20.14
N THR A 67 -8.66 40.26 20.02
CA THR A 67 -9.05 41.63 19.72
C THR A 67 -8.65 42.58 20.84
N LYS A 68 -8.82 42.15 22.10
CA LYS A 68 -8.41 42.99 23.22
C LYS A 68 -6.91 43.10 23.37
N LEU A 69 -6.15 42.10 22.90
CA LEU A 69 -4.70 42.20 23.01
C LEU A 69 -4.10 43.05 21.89
N ASN A 70 -4.77 43.11 20.75
CA ASN A 70 -4.27 43.94 19.66
C ASN A 70 -4.15 45.40 20.10
N ASP A 71 -5.15 45.90 20.80
CA ASP A 71 -5.12 47.26 21.33
C ASP A 71 -4.65 47.26 22.79
N LEU A 72 -3.45 46.74 23.00
CA LEU A 72 -2.88 46.69 24.34
C LEU A 72 -1.36 46.65 24.23
N CYS A 73 -0.70 47.20 25.24
CA CYS A 73 0.74 47.30 25.27
C CYS A 73 1.33 46.21 26.15
N PHE A 74 2.47 45.66 25.73
CA PHE A 74 3.14 44.59 26.44
C PHE A 74 4.64 44.83 26.44
N THR A 75 5.33 44.22 27.39
CA THR A 75 6.74 44.52 27.62
C THR A 75 7.70 43.51 27.00
N ASN A 76 7.34 42.24 26.93
CA ASN A 76 8.28 41.23 26.45
C ASN A 76 7.50 40.07 25.85
N VAL A 77 7.95 39.60 24.68
CA VAL A 77 7.34 38.48 24.00
C VAL A 77 8.43 37.61 23.38
N TYR A 78 8.22 36.31 23.41
CA TYR A 78 9.10 35.36 22.75
C TYR A 78 8.38 34.69 21.59
N ALA A 79 9.15 34.06 20.72
CA ALA A 79 8.60 33.36 19.57
C ALA A 79 9.28 32.02 19.45
N ASP A 80 8.49 30.95 19.42
CA ASP A 80 8.99 29.59 19.33
C ASP A 80 8.17 28.86 18.29
N SER A 81 8.77 27.83 17.69
CA SER A 81 8.12 27.16 16.57
C SER A 81 8.71 25.77 16.39
N PHE A 82 7.89 24.87 15.90
CA PHE A 82 8.30 23.48 15.67
C PHE A 82 7.25 22.81 14.79
N VAL A 83 7.38 21.50 14.62
CA VAL A 83 6.52 20.72 13.75
C VAL A 83 6.00 19.52 14.54
N ILE A 84 4.69 19.37 14.60
CA ILE A 84 4.05 18.28 15.32
C ILE A 84 3.07 17.58 14.39
N ARG A 85 2.34 16.61 14.93
CA ARG A 85 1.33 15.89 14.16
C ARG A 85 -0.05 16.44 14.47
N GLY A 86 -0.94 16.34 13.48
CA GLY A 86 -2.26 16.92 13.61
C GLY A 86 -3.04 16.33 14.77
N ASP A 87 -3.11 15.00 14.82
CA ASP A 87 -3.85 14.32 15.89
C ASP A 87 -3.40 14.79 17.26
N GLU A 88 -2.15 15.23 17.38
CA GLU A 88 -1.59 15.63 18.66
C GLU A 88 -1.62 17.13 18.86
N VAL A 89 -2.22 17.88 17.94
CA VAL A 89 -2.28 19.33 18.07
C VAL A 89 -2.94 19.72 19.39
N ARG A 90 -3.95 18.96 19.81
CA ARG A 90 -4.64 19.26 21.06
C ARG A 90 -3.71 19.23 22.26
N GLN A 91 -2.59 18.52 22.17
CA GLN A 91 -1.67 18.45 23.30
C GLN A 91 -1.06 19.80 23.62
N ILE A 92 -1.13 20.76 22.71
CA ILE A 92 -0.55 22.08 22.94
C ILE A 92 -1.61 22.87 23.68
N ALA A 93 -1.66 22.65 24.99
CA ALA A 93 -2.67 23.23 25.85
C ALA A 93 -2.28 22.92 27.29
N PRO A 94 -2.65 23.76 28.25
CA PRO A 94 -2.24 23.50 29.64
C PRO A 94 -2.84 22.21 30.15
N GLY A 95 -2.03 21.47 30.91
CA GLY A 95 -2.49 20.24 31.52
C GLY A 95 -2.93 19.18 30.53
N GLN A 96 -2.12 18.93 29.51
CA GLN A 96 -2.36 17.85 28.58
C GLN A 96 -1.33 16.75 28.76
N THR A 97 -1.61 15.59 28.18
CA THR A 97 -0.72 14.44 28.27
C THR A 97 -0.49 13.88 26.87
N GLY A 98 0.51 13.01 26.77
CA GLY A 98 0.89 12.41 25.51
C GLY A 98 2.39 12.50 25.29
N LYS A 99 2.82 11.95 24.15
CA LYS A 99 4.23 11.94 23.79
C LYS A 99 4.84 13.33 23.93
N ILE A 100 4.24 14.30 23.24
CA ILE A 100 4.84 15.64 23.18
C ILE A 100 4.75 16.32 24.54
N ALA A 101 3.58 16.26 25.18
CA ALA A 101 3.42 16.90 26.47
C ALA A 101 4.42 16.39 27.49
N ASP A 102 4.74 15.09 27.42
CA ASP A 102 5.64 14.52 28.41
C ASP A 102 7.11 14.77 28.08
N TYR A 103 7.51 14.56 26.83
CA TYR A 103 8.93 14.49 26.51
C TYR A 103 9.40 15.48 25.46
N ASN A 104 8.56 16.33 24.95
CA ASN A 104 9.07 17.24 23.93
C ASN A 104 8.69 18.70 24.18
N TYR A 105 7.50 18.95 24.69
CA TYR A 105 7.08 20.32 24.95
C TYR A 105 5.88 20.27 25.88
N LYS A 106 5.87 21.17 26.85
CA LYS A 106 4.80 21.20 27.85
C LYS A 106 4.57 22.64 28.27
N LEU A 107 3.50 23.24 27.79
CA LEU A 107 3.14 24.57 28.23
C LEU A 107 2.80 24.55 29.72
N PRO A 108 3.21 25.56 30.47
CA PRO A 108 2.76 25.65 31.88
C PRO A 108 1.26 25.85 31.94
N ASP A 109 0.71 25.50 33.10
CA ASP A 109 -0.74 25.60 33.27
C ASP A 109 -1.23 27.03 33.12
N ASP A 110 -0.57 27.97 33.78
CA ASP A 110 -0.96 29.37 33.69
C ASP A 110 -0.36 29.99 32.44
N PHE A 111 -0.59 29.35 31.29
CA PHE A 111 -0.01 29.78 30.04
C PHE A 111 -0.67 31.06 29.56
N THR A 112 0.13 32.07 29.26
CA THR A 112 -0.39 33.37 28.86
C THR A 112 0.02 33.78 27.45
N GLY A 113 0.66 32.90 26.69
CA GLY A 113 1.03 33.19 25.32
C GLY A 113 -0.11 32.98 24.36
N CYS A 114 0.24 32.65 23.11
CA CYS A 114 -0.76 32.33 22.10
C CYS A 114 -0.23 31.24 21.18
N VAL A 115 -1.13 30.37 20.75
CA VAL A 115 -0.79 29.24 19.90
C VAL A 115 -1.55 29.35 18.59
N ILE A 116 -0.84 29.11 17.49
CA ILE A 116 -1.43 29.14 16.15
C ILE A 116 -0.90 27.94 15.40
N ALA A 117 -1.72 27.40 14.51
CA ALA A 117 -1.29 26.26 13.71
C ALA A 117 -2.09 26.22 12.43
N TRP A 118 -1.42 25.88 11.33
CA TRP A 118 -2.06 25.78 10.04
C TRP A 118 -1.55 24.53 9.35
N ASN A 119 -2.27 24.10 8.31
CA ASN A 119 -1.81 22.98 7.54
C ASN A 119 -0.60 23.38 6.72
N SER A 120 0.44 22.55 6.76
CA SER A 120 1.64 22.77 5.96
C SER A 120 2.00 21.51 5.19
N ASN A 121 0.98 20.72 4.83
CA ASN A 121 1.22 19.57 3.99
C ASN A 121 1.80 19.97 2.64
N ASN A 122 1.57 21.22 2.23
CA ASN A 122 2.05 21.68 0.93
C ASN A 122 3.49 22.14 0.97
N LEU A 123 4.07 22.29 2.16
CA LEU A 123 5.42 22.81 2.31
C LEU A 123 6.37 21.83 2.96
N ASP A 124 5.98 21.22 4.08
CA ASP A 124 6.91 20.44 4.87
C ASP A 124 6.88 18.95 4.58
N SER A 125 5.73 18.40 4.18
CA SER A 125 5.68 17.00 3.81
C SER A 125 6.47 16.77 2.53
N LYS A 126 6.97 15.56 2.38
CA LYS A 126 7.71 15.18 1.19
C LYS A 126 7.46 13.71 0.90
N VAL A 127 7.48 13.37 -0.39
CA VAL A 127 7.23 11.99 -0.79
C VAL A 127 8.29 11.09 -0.17
N GLY A 128 7.91 9.85 0.11
CA GLY A 128 8.82 8.89 0.69
C GLY A 128 9.01 9.03 2.18
N GLY A 129 8.59 10.14 2.78
CA GLY A 129 8.73 10.32 4.21
C GLY A 129 9.85 11.27 4.58
N ASN A 130 9.51 12.37 5.23
CA ASN A 130 10.51 13.35 5.63
C ASN A 130 11.20 12.88 6.90
N TYR A 131 12.48 12.56 6.80
CA TYR A 131 13.25 12.10 7.94
C TYR A 131 13.96 13.22 8.68
N ASN A 132 13.43 14.44 8.63
CA ASN A 132 14.17 15.52 9.26
C ASN A 132 13.74 15.77 10.69
N TYR A 133 12.48 16.11 10.92
CA TYR A 133 12.04 16.50 12.24
C TYR A 133 12.04 15.30 13.19
N LEU A 134 12.22 15.59 14.48
CA LEU A 134 12.38 14.55 15.48
C LEU A 134 11.52 14.88 16.70
N TYR A 135 11.35 13.88 17.57
CA TYR A 135 10.63 14.05 18.82
C TYR A 135 11.15 13.05 19.84
N ARG A 136 11.32 13.52 21.08
CA ARG A 136 11.89 12.68 22.13
C ARG A 136 10.84 11.71 22.66
N LEU A 137 11.30 10.52 23.02
CA LEU A 137 10.40 9.40 23.29
C LEU A 137 10.34 9.00 24.76
N PHE A 138 11.48 8.66 25.37
CA PHE A 138 11.53 8.22 26.76
C PHE A 138 12.29 9.22 27.61
N ARG A 139 12.08 9.13 28.90
CA ARG A 139 12.85 9.91 29.86
C ARG A 139 12.58 9.36 31.25
N LYS A 140 13.47 9.71 32.18
CA LYS A 140 13.33 9.25 33.55
C LYS A 140 12.31 10.07 34.33
N SER A 141 11.91 11.23 33.82
CA SER A 141 10.96 12.06 34.53
C SER A 141 10.19 12.89 33.52
N ASN A 142 9.34 13.79 34.01
CA ASN A 142 8.56 14.68 33.17
C ASN A 142 9.37 15.92 32.85
N LEU A 143 9.01 16.58 31.76
CA LEU A 143 9.69 17.80 31.35
C LEU A 143 9.12 19.01 32.06
N LYS A 144 10.01 19.82 32.61
CA LYS A 144 9.64 21.05 33.27
C LYS A 144 9.12 22.04 32.22
N PRO A 145 8.54 23.16 32.64
CA PRO A 145 8.12 24.18 31.67
C PRO A 145 9.28 24.68 30.82
N PHE A 146 9.08 24.66 29.51
CA PHE A 146 10.03 25.15 28.51
C PHE A 146 11.36 24.39 28.55
N GLU A 147 11.36 23.20 29.09
CA GLU A 147 12.61 22.44 29.24
C GLU A 147 13.06 21.90 27.88
N ARG A 148 14.23 22.36 27.43
CA ARG A 148 14.86 21.83 26.24
C ARG A 148 15.81 20.71 26.65
N ASP A 149 15.77 19.61 25.92
CA ASP A 149 16.67 18.48 26.16
C ASP A 149 17.24 18.03 24.84
N ILE A 150 18.36 18.63 24.42
CA ILE A 150 19.04 18.23 23.20
C ILE A 150 19.87 16.98 23.39
N SER A 151 19.97 16.45 24.60
CA SER A 151 20.82 15.31 24.86
C SER A 151 20.32 14.07 24.14
N THR A 152 21.18 13.49 23.30
CA THR A 152 20.92 12.20 22.69
C THR A 152 21.57 11.08 23.48
N GLU A 153 21.82 11.30 24.77
CA GLU A 153 22.49 10.31 25.59
C GLU A 153 21.64 9.06 25.72
N ILE A 154 22.25 7.91 25.45
CA ILE A 154 21.55 6.64 25.55
C ILE A 154 21.24 6.39 27.03
N TYR A 155 19.98 6.51 27.41
CA TYR A 155 19.58 6.15 28.76
C TYR A 155 19.70 4.64 28.95
N GLN A 156 20.04 4.25 30.18
CA GLN A 156 20.35 2.85 30.49
C GLN A 156 19.38 2.36 31.55
N ALA A 157 18.34 1.65 31.10
CA ALA A 157 17.39 1.00 31.99
C ALA A 157 17.73 -0.46 32.26
N GLY A 158 18.96 -0.88 31.95
CA GLY A 158 19.42 -2.22 32.18
C GLY A 158 20.48 -2.30 33.25
N SER A 159 21.29 -3.35 33.16
CA SER A 159 22.40 -3.57 34.09
C SER A 159 23.76 -3.53 33.42
N THR A 160 23.88 -4.09 32.22
CA THR A 160 25.14 -4.04 31.51
C THR A 160 25.45 -2.60 31.09
N PRO A 161 26.73 -2.25 30.95
CA PRO A 161 27.08 -0.90 30.51
C PRO A 161 26.54 -0.60 29.12
N CYS A 162 26.26 0.68 28.88
CA CYS A 162 25.69 1.15 27.62
C CYS A 162 26.76 1.43 26.57
N ASN A 163 27.74 2.28 26.91
CA ASN A 163 28.87 2.56 26.04
C ASN A 163 28.42 3.22 24.73
N GLY A 164 27.40 4.07 24.81
CA GLY A 164 27.01 4.88 23.69
C GLY A 164 26.27 4.16 22.58
N VAL A 165 26.77 3.00 22.18
CA VAL A 165 26.20 2.29 21.04
C VAL A 165 24.73 2.00 21.27
N GLU A 166 23.97 1.94 20.18
CA GLU A 166 22.55 1.68 20.23
C GLU A 166 22.30 0.17 20.19
N GLY A 167 21.50 -0.33 21.12
CA GLY A 167 21.28 -1.76 21.20
C GLY A 167 20.13 -2.23 22.07
N PHE A 168 20.35 -3.34 22.77
CA PHE A 168 19.31 -4.06 23.50
C PHE A 168 18.67 -3.26 24.63
N ASN A 169 19.11 -2.04 24.89
CA ASN A 169 18.53 -1.27 25.99
C ASN A 169 18.42 0.20 25.60
N CYS A 170 17.19 0.65 25.34
CA CYS A 170 16.83 2.06 25.36
C CYS A 170 17.68 2.86 24.36
N TYR A 171 17.33 2.67 23.10
CA TYR A 171 17.93 3.44 22.01
C TYR A 171 17.65 4.93 22.20
N PHE A 172 18.15 5.74 21.27
CA PHE A 172 17.98 7.19 21.27
C PHE A 172 16.59 7.62 21.71
N PRO A 173 16.49 8.58 22.60
CA PRO A 173 15.22 9.29 22.82
C PRO A 173 14.98 10.33 21.74
N LEU A 174 15.05 9.91 20.48
CA LEU A 174 14.87 10.79 19.34
C LEU A 174 14.39 9.95 18.16
N GLN A 175 13.24 10.29 17.59
CA GLN A 175 12.68 9.57 16.46
CA GLN A 175 12.70 9.59 16.45
C GLN A 175 12.04 10.58 15.51
N SER A 176 12.05 10.25 14.22
CA SER A 176 11.53 11.12 13.18
C SER A 176 10.14 10.69 12.73
N TYR A 177 9.29 11.67 12.44
CA TYR A 177 7.98 11.41 11.86
C TYR A 177 8.12 10.69 10.53
N GLY A 178 7.00 10.20 9.99
CA GLY A 178 6.96 9.79 8.61
C GLY A 178 6.64 10.96 7.68
N PHE A 179 5.49 11.58 7.90
CA PHE A 179 5.01 12.71 7.11
C PHE A 179 4.80 12.32 5.66
N GLN A 180 4.27 11.15 5.43
CA GLN A 180 3.93 10.94 4.03
C GLN A 180 2.75 11.81 3.64
N PRO A 181 2.77 12.39 2.45
CA PRO A 181 1.63 13.23 2.02
C PRO A 181 0.35 12.44 1.83
N THR A 182 0.45 11.14 1.59
CA THR A 182 -0.73 10.31 1.38
C THR A 182 -1.47 9.97 2.66
N ASN A 183 -1.15 10.63 3.77
CA ASN A 183 -1.79 10.32 5.04
C ASN A 183 -3.11 11.07 5.19
N GLY A 184 -3.85 10.73 6.23
CA GLY A 184 -5.07 11.41 6.54
C GLY A 184 -4.81 12.81 7.08
N VAL A 185 -5.88 13.42 7.57
CA VAL A 185 -5.78 14.80 8.07
C VAL A 185 -4.88 14.87 9.28
N GLY A 186 -5.22 14.12 10.33
CA GLY A 186 -4.46 14.18 11.56
C GLY A 186 -3.04 13.64 11.44
N TYR A 187 -2.76 12.86 10.41
CA TYR A 187 -1.43 12.29 10.19
C TYR A 187 -0.58 13.12 9.26
N GLN A 188 -0.80 14.43 9.21
CA GLN A 188 0.02 15.31 8.40
C GLN A 188 0.53 16.48 9.22
N PRO A 189 1.75 16.95 8.96
CA PRO A 189 2.35 17.96 9.83
C PRO A 189 1.59 19.27 9.77
N TYR A 190 1.39 19.86 10.94
CA TYR A 190 0.86 21.20 11.09
C TYR A 190 1.89 22.04 11.81
N ARG A 191 2.47 23.01 11.12
CA ARG A 191 3.40 23.91 11.77
C ARG A 191 2.73 24.60 12.95
N VAL A 192 3.55 25.17 13.83
CA VAL A 192 3.02 25.85 15.01
C VAL A 192 3.99 26.95 15.40
N VAL A 193 3.43 28.06 15.87
CA VAL A 193 4.21 29.15 16.42
C VAL A 193 3.62 29.48 17.78
N VAL A 194 4.41 29.29 18.83
CA VAL A 194 3.94 29.51 20.19
C VAL A 194 4.34 30.91 20.61
N LEU A 195 3.36 31.74 20.87
CA LEU A 195 3.59 33.07 21.39
C LEU A 195 3.78 33.00 22.90
N SER A 196 4.41 34.02 23.46
CA SER A 196 4.59 34.16 24.89
C SER A 196 4.36 35.62 25.25
N PHE A 197 3.47 35.86 26.19
CA PHE A 197 3.16 37.21 26.64
C PHE A 197 3.38 37.32 28.14
N GLU A 198 4.31 38.18 28.53
CA GLU A 198 4.68 38.33 29.93
C GLU A 198 4.73 39.80 30.28
N LEU A 199 4.58 40.08 31.57
CA LEU A 199 4.62 41.44 32.10
C LEU A 199 5.66 41.52 33.20
N LEU A 200 6.45 42.58 33.19
CA LEU A 200 7.48 42.81 34.19
C LEU A 200 7.42 44.28 34.59
N HIS A 201 8.46 44.75 35.29
CA HIS A 201 8.55 46.14 35.69
C HIS A 201 9.07 47.04 34.58
N ALA A 202 9.59 46.47 33.50
CA ALA A 202 10.05 47.28 32.37
C ALA A 202 8.84 47.84 31.62
N PRO A 203 8.99 49.03 31.03
CA PRO A 203 7.86 49.61 30.28
C PRO A 203 7.51 48.77 29.06
N ALA A 204 6.25 48.88 28.64
CA ALA A 204 5.74 48.10 27.52
C ALA A 204 6.35 48.62 26.22
N THR A 205 7.08 47.75 25.52
CA THR A 205 7.79 48.16 24.31
C THR A 205 7.01 47.87 23.03
N VAL A 206 6.02 47.00 23.07
CA VAL A 206 5.24 46.65 21.89
C VAL A 206 3.81 47.14 22.10
N CYS A 207 3.27 47.85 21.12
CA CYS A 207 1.93 48.40 21.18
C CYS A 207 1.32 48.34 19.77
N GLY A 208 0.20 49.03 19.59
CA GLY A 208 -0.46 49.07 18.30
C GLY A 208 -0.74 50.48 17.81
N ASP B 1 21.15 -17.93 27.43
CA ASP B 1 21.84 -19.17 27.75
C ASP B 1 21.62 -19.53 29.22
N ILE B 2 21.40 -18.52 30.04
CA ILE B 2 21.19 -18.75 31.47
C ILE B 2 19.93 -19.57 31.66
N GLN B 3 20.06 -20.71 32.33
CA GLN B 3 18.92 -21.60 32.52
C GLN B 3 18.02 -21.09 33.63
N MET B 4 16.72 -21.35 33.48
CA MET B 4 15.73 -21.03 34.50
C MET B 4 15.06 -22.32 34.94
N THR B 5 14.67 -22.38 36.21
CA THR B 5 14.07 -23.58 36.78
C THR B 5 12.79 -23.20 37.50
N GLN B 6 11.67 -23.73 37.01
CA GLN B 6 10.40 -23.60 37.71
C GLN B 6 10.17 -24.82 38.59
N SER B 7 9.42 -24.62 39.66
CA SER B 7 9.16 -25.71 40.59
C SER B 7 7.90 -25.42 41.40
N PRO B 8 7.00 -26.40 41.53
CA PRO B 8 7.14 -27.71 40.90
C PRO B 8 6.52 -27.78 39.51
N SER B 9 6.39 -28.98 38.96
CA SER B 9 5.84 -29.16 37.63
C SER B 9 4.33 -29.37 37.61
N SER B 10 3.73 -29.67 38.76
CA SER B 10 2.28 -29.85 38.84
C SER B 10 1.82 -29.43 40.22
N LEU B 11 0.51 -29.19 40.34
CA LEU B 11 -0.04 -28.65 41.57
C LEU B 11 -1.56 -28.76 41.53
N SER B 12 -2.16 -29.15 42.65
CA SER B 12 -3.60 -29.18 42.79
C SER B 12 -3.99 -28.75 44.20
N ALA B 13 -5.12 -28.06 44.30
CA ALA B 13 -5.64 -27.59 45.57
C ALA B 13 -7.09 -27.20 45.38
N SER B 14 -7.80 -27.11 46.50
CA SER B 14 -9.21 -26.74 46.46
C SER B 14 -9.37 -25.23 46.57
N VAL B 15 -10.62 -24.77 46.61
CA VAL B 15 -10.90 -23.36 46.70
C VAL B 15 -10.43 -22.82 48.05
N GLY B 16 -10.04 -21.54 48.05
CA GLY B 16 -9.57 -20.89 49.26
C GLY B 16 -8.17 -21.27 49.69
N ASP B 17 -7.53 -22.24 49.02
CA ASP B 17 -6.20 -22.66 49.37
C ASP B 17 -5.16 -21.64 48.90
N ARG B 18 -4.02 -21.65 49.56
CA ARG B 18 -2.87 -20.85 49.16
C ARG B 18 -1.80 -21.77 48.57
N VAL B 19 -1.33 -21.42 47.38
CA VAL B 19 -0.27 -22.18 46.72
C VAL B 19 0.88 -21.25 46.40
N THR B 20 2.04 -21.84 46.16
CA THR B 20 3.26 -21.08 45.88
C THR B 20 4.07 -21.78 44.82
N ILE B 21 4.49 -21.02 43.82
CA ILE B 21 5.37 -21.52 42.77
C ILE B 21 6.73 -20.87 42.94
N THR B 22 7.78 -21.58 42.57
CA THR B 22 9.15 -21.15 42.82
C THR B 22 9.95 -21.13 41.53
N CYS B 23 10.80 -20.11 41.40
CA CYS B 23 11.68 -19.96 40.24
C CYS B 23 13.08 -19.68 40.72
N GLN B 24 14.03 -20.49 40.28
CA GLN B 24 15.43 -20.40 40.71
C GLN B 24 16.31 -20.17 39.50
N ALA B 25 17.14 -19.14 39.56
CA ALA B 25 17.93 -18.71 38.42
C ALA B 25 19.28 -19.42 38.39
N SER B 26 19.96 -19.30 37.25
CA SER B 26 21.30 -19.85 37.10
C SER B 26 22.36 -18.91 37.63
N GLN B 27 22.36 -17.66 37.17
CA GLN B 27 23.27 -16.64 37.64
C GLN B 27 22.46 -15.50 38.27
N ASP B 28 23.14 -14.41 38.59
CA ASP B 28 22.52 -13.31 39.33
C ASP B 28 21.69 -12.44 38.39
N ILE B 29 20.42 -12.26 38.73
CA ILE B 29 19.53 -11.30 38.08
C ILE B 29 18.72 -10.63 39.19
N THR B 30 18.89 -9.32 39.33
CA THR B 30 18.44 -8.65 40.55
C THR B 30 16.93 -8.74 40.75
N ASN B 31 16.17 -7.99 39.97
CA ASN B 31 14.72 -7.94 40.10
C ASN B 31 14.05 -7.94 38.74
N TYR B 32 14.53 -8.81 37.84
CA TYR B 32 14.12 -8.79 36.45
C TYR B 32 13.49 -10.13 36.07
N LEU B 33 12.19 -10.27 36.35
CA LEU B 33 11.42 -11.46 35.99
C LEU B 33 9.96 -11.08 35.87
N ASN B 34 9.23 -11.81 35.02
CA ASN B 34 7.80 -11.62 34.88
C ASN B 34 7.06 -12.92 35.13
N TRP B 35 5.75 -12.80 35.33
CA TRP B 35 4.86 -13.94 35.58
C TRP B 35 3.69 -13.87 34.62
N TYR B 36 3.42 -15.00 33.95
CA TYR B 36 2.43 -15.05 32.89
C TYR B 36 1.29 -15.99 33.25
N GLN B 37 0.22 -15.91 32.47
CA GLN B 37 -0.93 -16.79 32.60
C GLN B 37 -1.43 -17.12 31.20
N GLN B 38 -1.61 -18.41 30.92
CA GLN B 38 -2.03 -18.85 29.59
C GLN B 38 -3.21 -19.79 29.74
N LYS B 39 -4.42 -19.26 29.61
CA LYS B 39 -5.58 -20.12 29.52
C LYS B 39 -5.53 -20.91 28.21
N PRO B 40 -6.03 -22.14 28.21
CA PRO B 40 -5.85 -23.00 27.03
C PRO B 40 -6.46 -22.38 25.78
N GLY B 41 -5.72 -22.48 24.68
CA GLY B 41 -6.13 -21.95 23.39
C GLY B 41 -5.87 -20.48 23.20
N LYS B 42 -6.11 -19.68 24.23
CA LYS B 42 -5.98 -18.24 24.12
C LYS B 42 -4.51 -17.84 24.15
N ALA B 43 -4.25 -16.56 24.26
CA ALA B 43 -2.92 -15.98 24.30
C ALA B 43 -2.54 -15.58 25.72
N PRO B 44 -1.27 -15.74 26.09
CA PRO B 44 -0.85 -15.39 27.45
C PRO B 44 -1.07 -13.93 27.79
N LYS B 45 -0.81 -13.58 29.04
CA LYS B 45 -1.10 -12.24 29.53
C LYS B 45 -0.22 -11.97 30.73
N LEU B 46 0.42 -10.80 30.75
CA LEU B 46 1.31 -10.45 31.84
C LEU B 46 0.54 -10.36 33.16
N LEU B 47 1.11 -10.94 34.21
CA LEU B 47 0.52 -10.89 35.54
C LEU B 47 1.33 -10.02 36.50
N ILE B 48 2.62 -10.31 36.64
CA ILE B 48 3.50 -9.55 37.50
C ILE B 48 4.83 -9.36 36.79
N TYR B 49 5.26 -8.11 36.65
CA TYR B 49 6.50 -7.78 35.97
C TYR B 49 7.54 -7.28 36.98
N ALA B 50 8.81 -7.45 36.62
CA ALA B 50 9.95 -7.19 37.50
C ALA B 50 9.89 -8.03 38.77
N ALA B 51 9.12 -9.12 38.74
CA ALA B 51 9.01 -10.08 39.84
C ALA B 51 8.46 -9.44 41.11
N SER B 52 8.07 -8.17 41.04
CA SER B 52 7.59 -7.48 42.22
C SER B 52 6.39 -6.58 41.99
N ASN B 53 6.02 -6.27 40.76
CA ASN B 53 5.03 -5.25 40.48
C ASN B 53 3.71 -5.84 40.02
N LEU B 54 2.63 -5.22 40.44
CA LEU B 54 1.28 -5.69 40.13
C LEU B 54 0.79 -5.06 38.84
N GLU B 55 0.51 -5.89 37.84
CA GLU B 55 -0.13 -5.42 36.62
C GLU B 55 -1.51 -4.86 36.94
N THR B 56 -1.82 -3.71 36.33
CA THR B 56 -3.14 -3.11 36.50
C THR B 56 -4.19 -3.97 35.79
N GLY B 57 -5.32 -4.16 36.45
CA GLY B 57 -6.38 -4.99 35.90
C GLY B 57 -6.28 -6.46 36.26
N VAL B 58 -5.34 -6.84 37.11
CA VAL B 58 -5.21 -8.23 37.55
C VAL B 58 -5.61 -8.30 39.01
N PRO B 59 -6.38 -9.30 39.43
CA PRO B 59 -6.82 -9.37 40.83
C PRO B 59 -5.66 -9.38 41.80
N SER B 60 -5.82 -8.65 42.90
CA SER B 60 -4.77 -8.52 43.90
C SER B 60 -4.44 -9.82 44.61
N ARG B 61 -5.17 -10.90 44.34
CA ARG B 61 -4.91 -12.17 45.00
C ARG B 61 -3.58 -12.78 44.56
N PHE B 62 -2.94 -12.24 43.53
CA PHE B 62 -1.64 -12.73 43.10
C PHE B 62 -0.53 -11.85 43.67
N SER B 63 0.57 -12.50 44.08
CA SER B 63 1.72 -11.77 44.57
C SER B 63 2.89 -12.72 44.70
N GLY B 64 4.10 -12.22 44.43
CA GLY B 64 5.31 -13.00 44.62
C GLY B 64 6.47 -12.09 44.97
N SER B 65 7.63 -12.70 45.18
CA SER B 65 8.83 -11.93 45.50
C SER B 65 10.06 -12.77 45.18
N GLY B 66 11.21 -12.32 45.66
CA GLY B 66 12.48 -12.94 45.36
C GLY B 66 13.48 -11.92 44.84
N SER B 67 14.76 -12.21 44.96
CA SER B 67 15.78 -11.29 44.50
C SER B 67 17.08 -12.05 44.26
N GLY B 68 17.85 -11.58 43.29
CA GLY B 68 19.17 -12.13 43.03
C GLY B 68 19.15 -13.40 42.20
N THR B 69 18.80 -14.52 42.82
CA THR B 69 18.77 -15.79 42.11
C THR B 69 17.55 -16.66 42.39
N ASP B 70 16.89 -16.50 43.52
CA ASP B 70 15.76 -17.36 43.91
C ASP B 70 14.50 -16.51 44.01
N PHE B 71 13.46 -16.93 43.30
CA PHE B 71 12.25 -16.13 43.17
C PHE B 71 11.03 -17.01 43.34
N THR B 72 9.99 -16.45 43.95
CA THR B 72 8.80 -17.20 44.31
C THR B 72 7.57 -16.38 43.97
N PHE B 73 6.50 -17.06 43.59
CA PHE B 73 5.22 -16.43 43.30
C PHE B 73 4.11 -17.21 44.01
N THR B 74 3.21 -16.47 44.66
CA THR B 74 2.20 -17.05 45.52
C THR B 74 0.80 -16.67 45.06
N ILE B 75 -0.16 -17.53 45.39
CA ILE B 75 -1.57 -17.28 45.13
C ILE B 75 -2.31 -17.40 46.44
N SER B 76 -3.03 -16.34 46.82
CA SER B 76 -3.72 -16.34 48.11
C SER B 76 -4.86 -17.34 48.13
N GLY B 77 -5.82 -17.18 47.23
CA GLY B 77 -6.96 -18.07 47.18
C GLY B 77 -7.34 -18.47 45.77
N LEU B 78 -7.40 -19.79 45.52
CA LEU B 78 -7.77 -20.28 44.21
C LEU B 78 -9.19 -19.85 43.84
N GLN B 79 -9.49 -19.98 42.55
CA GLN B 79 -10.79 -19.64 42.02
C GLN B 79 -11.12 -20.58 40.87
N PRO B 80 -12.39 -20.85 40.63
CA PRO B 80 -12.76 -21.78 39.54
C PRO B 80 -12.39 -21.28 38.15
N GLU B 81 -11.84 -20.09 38.03
CA GLU B 81 -11.42 -19.57 36.73
C GLU B 81 -9.92 -19.32 36.64
N ASP B 82 -9.18 -19.52 37.72
CA ASP B 82 -7.73 -19.33 37.71
C ASP B 82 -6.98 -20.59 37.32
N ILE B 83 -7.65 -21.50 36.61
CA ILE B 83 -7.05 -22.76 36.19
C ILE B 83 -6.35 -22.50 34.86
N ALA B 84 -5.02 -22.39 34.90
CA ALA B 84 -4.24 -22.17 33.69
C ALA B 84 -2.78 -22.42 34.01
N THR B 85 -2.01 -22.71 32.97
CA THR B 85 -0.57 -22.87 33.11
C THR B 85 0.07 -21.52 33.40
N TYR B 86 1.19 -21.55 34.11
CA TYR B 86 1.89 -20.34 34.51
C TYR B 86 3.32 -20.37 34.01
N TYR B 87 3.86 -19.18 33.69
CA TYR B 87 5.16 -19.07 33.03
C TYR B 87 5.92 -17.88 33.58
N CYS B 88 7.25 -18.01 33.64
CA CYS B 88 8.14 -16.93 33.99
C CYS B 88 9.31 -16.92 33.01
N GLN B 89 9.94 -15.76 32.87
CA GLN B 89 11.01 -15.57 31.90
C GLN B 89 11.98 -14.51 32.38
N GLN B 90 13.25 -14.71 32.03
CA GLN B 90 14.29 -13.75 32.38
C GLN B 90 14.01 -12.41 31.73
N TYR B 91 14.76 -11.41 32.16
CA TYR B 91 14.46 -10.05 31.74
C TYR B 91 15.68 -9.16 31.50
N ASP B 92 16.90 -9.69 31.59
CA ASP B 92 18.08 -8.84 31.41
C ASP B 92 18.93 -9.23 30.21
N ASN B 93 19.41 -10.46 30.13
CA ASN B 93 20.44 -10.77 29.15
C ASN B 93 19.84 -11.00 27.77
N LEU B 94 20.69 -10.79 26.75
CA LEU B 94 20.31 -10.81 25.34
C LEU B 94 19.47 -12.03 24.99
N PRO B 95 19.94 -13.26 25.23
CA PRO B 95 19.09 -14.39 24.86
C PRO B 95 18.02 -14.70 25.92
N LEU B 96 16.89 -14.02 25.82
CA LEU B 96 15.77 -14.28 26.71
C LEU B 96 15.37 -15.75 26.67
N THR B 97 14.91 -16.25 27.81
CA THR B 97 14.34 -17.57 27.90
C THR B 97 13.22 -17.55 28.92
N PHE B 98 12.31 -18.52 28.81
CA PHE B 98 11.15 -18.63 29.67
C PHE B 98 11.37 -19.76 30.67
N GLY B 99 10.35 -20.01 31.49
CA GLY B 99 10.42 -21.06 32.48
C GLY B 99 10.28 -22.45 31.88
N GLY B 100 9.75 -23.39 32.66
CA GLY B 100 9.58 -24.75 32.18
C GLY B 100 8.13 -25.14 32.05
N GLY B 101 7.26 -24.50 32.81
CA GLY B 101 5.84 -24.80 32.77
C GLY B 101 5.36 -25.37 34.09
N THR B 102 4.15 -24.98 34.48
CA THR B 102 3.55 -25.49 35.70
C THR B 102 2.04 -25.34 35.61
N LYS B 103 1.31 -26.44 35.84
CA LYS B 103 -0.13 -26.41 35.77
C LYS B 103 -0.72 -26.19 37.17
N VAL B 104 -1.93 -25.65 37.20
CA VAL B 104 -2.63 -25.40 38.45
C VAL B 104 -4.07 -25.86 38.26
N GLU B 105 -4.44 -26.96 38.88
CA GLU B 105 -5.80 -27.46 38.81
C GLU B 105 -6.60 -26.98 40.01
N ILE B 106 -7.80 -27.51 40.18
CA ILE B 106 -8.65 -27.23 41.32
C ILE B 106 -9.12 -28.55 41.89
N LYS B 107 -9.05 -28.70 43.21
CA LYS B 107 -9.44 -29.95 43.84
C LYS B 107 -10.87 -29.89 44.35
N ARG B 108 -11.63 -30.93 44.07
CA ARG B 108 -13.03 -31.03 44.49
C ARG B 108 -13.23 -32.35 45.23
N THR B 109 -14.36 -32.46 45.92
CA THR B 109 -14.65 -33.67 46.68
C THR B 109 -14.80 -34.89 45.78
N VAL B 110 -15.88 -34.93 45.01
CA VAL B 110 -16.17 -36.05 44.10
C VAL B 110 -17.35 -35.65 43.23
N ALA B 111 -17.45 -36.27 42.06
CA ALA B 111 -18.62 -36.11 41.19
C ALA B 111 -18.97 -37.45 40.58
N ALA B 112 -20.26 -37.73 40.47
CA ALA B 112 -20.71 -38.97 39.86
C ALA B 112 -20.73 -38.84 38.35
N PRO B 113 -20.19 -39.82 37.63
CA PRO B 113 -20.10 -39.70 36.16
C PRO B 113 -21.43 -40.03 35.49
N SER B 114 -22.00 -39.05 34.79
CA SER B 114 -23.17 -39.31 33.98
C SER B 114 -22.77 -40.06 32.72
N VAL B 115 -23.62 -40.98 32.27
CA VAL B 115 -23.28 -41.89 31.20
C VAL B 115 -24.29 -41.76 30.09
N PHE B 116 -23.81 -41.87 28.85
CA PHE B 116 -24.66 -41.91 27.66
C PHE B 116 -24.03 -42.82 26.63
N ILE B 117 -24.83 -43.13 25.60
CA ILE B 117 -24.38 -43.98 24.50
C ILE B 117 -25.07 -43.49 23.23
N PHE B 118 -24.31 -43.48 22.13
CA PHE B 118 -24.82 -42.90 20.90
C PHE B 118 -24.58 -43.84 19.72
N PRO B 119 -25.60 -44.13 18.94
CA PRO B 119 -25.44 -45.00 17.78
C PRO B 119 -24.81 -44.25 16.62
N PRO B 120 -24.18 -44.95 15.69
CA PRO B 120 -23.58 -44.27 14.54
C PRO B 120 -24.64 -43.76 13.57
N SER B 121 -24.34 -42.64 12.92
CA SER B 121 -25.25 -42.06 11.95
C SER B 121 -25.35 -42.93 10.71
N ASP B 122 -26.55 -43.03 10.16
CA ASP B 122 -26.76 -43.87 8.98
C ASP B 122 -25.93 -43.41 7.80
N GLU B 123 -25.75 -42.10 7.64
CA GLU B 123 -24.95 -41.60 6.52
C GLU B 123 -23.50 -42.03 6.65
N GLN B 124 -23.00 -42.16 7.88
CA GLN B 124 -21.68 -42.75 8.06
C GLN B 124 -21.69 -44.23 7.72
N LEU B 125 -22.80 -44.92 7.99
CA LEU B 125 -22.95 -46.29 7.53
C LEU B 125 -22.92 -46.34 6.01
N LYS B 126 -23.53 -45.35 5.35
CA LYS B 126 -23.42 -45.26 3.90
C LYS B 126 -21.99 -45.00 3.48
N SER B 127 -21.25 -44.24 4.28
CA SER B 127 -19.83 -44.02 4.00
C SER B 127 -19.06 -45.32 4.05
N GLY B 128 -19.35 -46.16 5.03
CA GLY B 128 -18.75 -47.48 5.10
C GLY B 128 -17.90 -47.73 6.32
N THR B 129 -18.20 -47.05 7.42
CA THR B 129 -17.46 -47.26 8.66
C THR B 129 -18.36 -46.91 9.84
N ALA B 130 -17.98 -47.42 11.00
CA ALA B 130 -18.75 -47.22 12.24
C ALA B 130 -17.85 -46.62 13.29
N SER B 131 -18.19 -45.40 13.73
CA SER B 131 -17.45 -44.72 14.78
C SER B 131 -18.42 -44.44 15.92
N VAL B 132 -18.55 -45.42 16.82
CA VAL B 132 -19.44 -45.30 17.97
C VAL B 132 -18.72 -44.52 19.06
N VAL B 133 -19.49 -43.78 19.85
CA VAL B 133 -18.94 -42.92 20.88
C VAL B 133 -19.69 -43.17 22.18
N CYS B 134 -18.95 -43.21 23.29
CA CYS B 134 -19.51 -43.27 24.62
C CYS B 134 -19.18 -41.99 25.35
N LEU B 135 -20.20 -41.30 25.85
CA LEU B 135 -20.04 -40.01 26.49
C LEU B 135 -20.08 -40.13 27.99
N LEU B 136 -19.11 -39.51 28.65
CA LEU B 136 -19.13 -39.30 30.10
C LEU B 136 -19.00 -37.81 30.34
N ASN B 137 -20.03 -37.21 30.92
CA ASN B 137 -20.09 -35.76 31.07
C ASN B 137 -20.21 -35.38 32.54
N ASN B 138 -19.55 -34.28 32.90
CA ASN B 138 -19.77 -33.57 34.16
C ASN B 138 -19.49 -34.48 35.36
N PHE B 139 -18.21 -34.86 35.48
CA PHE B 139 -17.78 -35.73 36.56
C PHE B 139 -16.43 -35.26 37.10
N TYR B 140 -15.91 -36.03 38.05
CA TYR B 140 -14.68 -35.73 38.77
C TYR B 140 -14.29 -36.95 39.61
N PRO B 141 -12.99 -37.24 39.76
CA PRO B 141 -11.84 -36.53 39.21
C PRO B 141 -11.47 -36.97 37.81
N ARG B 142 -10.43 -36.34 37.24
CA ARG B 142 -10.10 -36.53 35.84
C ARG B 142 -9.80 -37.98 35.50
N GLU B 143 -9.25 -38.73 36.46
CA GLU B 143 -8.93 -40.12 36.20
C GLU B 143 -10.20 -40.95 36.16
N ALA B 144 -10.27 -41.87 35.21
CA ALA B 144 -11.42 -42.75 35.04
C ALA B 144 -11.06 -43.84 34.05
N LYS B 145 -11.83 -44.92 34.07
CA LYS B 145 -11.64 -46.03 33.16
C LYS B 145 -12.92 -46.28 32.38
N VAL B 146 -12.77 -46.48 31.07
CA VAL B 146 -13.88 -46.79 30.18
C VAL B 146 -13.56 -48.10 29.48
N GLN B 147 -14.52 -49.01 29.45
CA GLN B 147 -14.33 -50.32 28.85
C GLN B 147 -15.50 -50.66 27.94
N TRP B 148 -15.19 -51.13 26.74
CA TRP B 148 -16.20 -51.53 25.78
C TRP B 148 -16.48 -53.01 25.89
N LYS B 149 -17.70 -53.40 25.51
CA LYS B 149 -18.09 -54.80 25.45
C LYS B 149 -19.07 -54.98 24.31
N VAL B 150 -18.66 -55.74 23.29
CA VAL B 150 -19.48 -56.02 22.13
C VAL B 150 -19.82 -57.50 22.12
N ASP B 151 -21.12 -57.81 22.14
CA ASP B 151 -21.61 -59.18 22.13
C ASP B 151 -20.90 -60.03 23.19
N ASN B 152 -20.76 -59.45 24.39
CA ASN B 152 -20.08 -60.08 25.52
C ASN B 152 -18.62 -60.38 25.23
N ALA B 153 -18.06 -59.77 24.18
CA ALA B 153 -16.64 -59.93 23.84
C ALA B 153 -15.93 -58.62 24.13
N LEU B 154 -14.94 -58.67 25.02
CA LEU B 154 -14.19 -57.47 25.37
C LEU B 154 -13.40 -56.98 24.15
N GLN B 155 -13.44 -55.67 23.93
CA GLN B 155 -12.76 -55.05 22.80
C GLN B 155 -11.77 -54.02 23.32
N SER B 156 -10.50 -54.19 22.97
CA SER B 156 -9.46 -53.25 23.34
C SER B 156 -8.38 -53.29 22.27
N GLY B 157 -7.67 -52.17 22.12
CA GLY B 157 -6.62 -52.03 21.13
C GLY B 157 -6.97 -51.10 19.99
N ASN B 158 -8.25 -50.91 19.70
CA ASN B 158 -8.69 -49.98 18.66
C ASN B 158 -9.46 -48.81 19.24
N SER B 159 -9.36 -48.60 20.55
CA SER B 159 -10.05 -47.51 21.20
C SER B 159 -9.29 -46.21 20.98
N GLN B 160 -9.91 -45.11 21.40
CA GLN B 160 -9.27 -43.80 21.34
C GLN B 160 -9.99 -42.88 22.30
N GLU B 161 -9.26 -42.32 23.24
CA GLU B 161 -9.83 -41.45 24.25
C GLU B 161 -9.48 -39.99 23.95
N SER B 162 -10.46 -39.12 24.12
CA SER B 162 -10.25 -37.69 24.05
C SER B 162 -10.90 -37.06 25.27
N VAL B 163 -10.11 -36.38 26.08
CA VAL B 163 -10.58 -35.78 27.32
C VAL B 163 -10.52 -34.27 27.17
N THR B 164 -11.57 -33.60 27.61
CA THR B 164 -11.57 -32.15 27.55
C THR B 164 -10.80 -31.55 28.72
N GLU B 165 -10.55 -30.26 28.63
CA GLU B 165 -10.00 -29.54 29.76
C GLU B 165 -11.10 -29.29 30.80
N GLN B 166 -10.67 -29.16 32.05
CA GLN B 166 -11.62 -29.00 33.14
C GLN B 166 -12.48 -27.76 32.95
N ASP B 167 -13.68 -27.79 33.51
CA ASP B 167 -14.63 -26.70 33.37
C ASP B 167 -14.17 -25.50 34.20
N SER B 168 -14.86 -24.38 33.99
CA SER B 168 -14.60 -23.15 34.74
C SER B 168 -15.69 -22.78 35.72
N LYS B 169 -16.90 -23.33 35.56
CA LYS B 169 -17.98 -23.03 36.50
C LYS B 169 -18.05 -24.06 37.62
N ASP B 170 -18.28 -25.32 37.27
CA ASP B 170 -18.26 -26.41 38.22
C ASP B 170 -16.93 -27.14 38.25
N SER B 171 -16.04 -26.84 37.31
CA SER B 171 -14.71 -27.42 37.25
C SER B 171 -14.77 -28.94 37.23
N THR B 172 -15.48 -29.47 36.24
CA THR B 172 -15.60 -30.91 36.04
C THR B 172 -14.91 -31.31 34.75
N TYR B 173 -14.85 -32.62 34.52
CA TYR B 173 -14.22 -33.17 33.34
C TYR B 173 -15.25 -33.91 32.50
N SER B 174 -14.87 -34.20 31.26
CA SER B 174 -15.72 -34.94 30.35
C SER B 174 -14.83 -35.66 29.34
N LEU B 175 -15.18 -36.90 29.03
CA LEU B 175 -14.41 -37.70 28.08
C LEU B 175 -15.36 -38.25 27.02
N SER B 176 -14.88 -38.26 25.78
CA SER B 176 -15.63 -38.82 24.66
C SER B 176 -14.83 -40.00 24.12
N SER B 177 -15.16 -41.20 24.58
CA SER B 177 -14.50 -42.42 24.15
C SER B 177 -15.12 -42.87 22.84
N THR B 178 -14.33 -42.87 21.78
CA THR B 178 -14.81 -43.20 20.45
C THR B 178 -14.17 -44.52 20.01
N LEU B 179 -15.00 -45.47 19.62
CA LEU B 179 -14.54 -46.76 19.11
C LEU B 179 -14.92 -46.82 17.63
N THR B 180 -13.97 -46.48 16.77
CA THR B 180 -14.19 -46.42 15.34
C THR B 180 -13.88 -47.77 14.71
N LEU B 181 -14.77 -48.26 13.87
CA LEU B 181 -14.60 -49.52 13.16
C LEU B 181 -15.21 -49.40 11.78
N SER B 182 -15.05 -50.45 10.99
CA SER B 182 -15.74 -50.51 9.71
C SER B 182 -17.17 -50.98 9.91
N LYS B 183 -18.02 -50.65 8.94
CA LYS B 183 -19.42 -51.05 9.03
C LYS B 183 -19.62 -52.55 8.84
N ALA B 184 -18.67 -53.22 8.18
CA ALA B 184 -18.82 -54.64 7.91
C ALA B 184 -18.92 -55.45 9.19
N ASP B 185 -17.86 -55.44 10.00
CA ASP B 185 -17.89 -56.17 11.25
C ASP B 185 -18.86 -55.53 12.24
N TYR B 186 -19.10 -54.22 12.11
CA TYR B 186 -20.13 -53.59 12.93
C TYR B 186 -21.50 -54.19 12.65
N GLU B 187 -21.76 -54.58 11.41
CA GLU B 187 -23.00 -55.28 11.12
C GLU B 187 -22.90 -56.76 11.47
N LYS B 188 -21.69 -57.32 11.43
CA LYS B 188 -21.50 -58.69 11.89
C LYS B 188 -21.86 -58.83 13.36
N HIS B 189 -21.62 -57.79 14.15
CA HIS B 189 -22.00 -57.77 15.56
C HIS B 189 -23.32 -57.04 15.74
N LYS B 190 -23.97 -57.30 16.87
CA LYS B 190 -25.32 -56.77 17.07
C LYS B 190 -25.44 -55.92 18.33
N VAL B 191 -24.85 -56.36 19.43
CA VAL B 191 -25.02 -55.72 20.72
C VAL B 191 -23.72 -55.05 21.12
N TYR B 192 -23.81 -53.81 21.62
CA TYR B 192 -22.65 -53.02 21.98
C TYR B 192 -22.90 -52.37 23.33
N ALA B 193 -21.83 -52.26 24.12
CA ALA B 193 -21.94 -51.72 25.46
C ALA B 193 -20.59 -51.17 25.91
N CYS B 194 -20.59 -49.92 26.37
CA CYS B 194 -19.42 -49.30 26.97
C CYS B 194 -19.61 -49.24 28.47
N GLU B 195 -18.66 -49.79 29.22
CA GLU B 195 -18.75 -49.88 30.66
C GLU B 195 -17.70 -48.99 31.31
N VAL B 196 -18.10 -48.24 32.32
CA VAL B 196 -17.22 -47.34 33.04
C VAL B 196 -16.99 -47.88 34.45
N THR B 197 -15.74 -47.79 34.92
CA THR B 197 -15.37 -48.17 36.26
C THR B 197 -14.71 -46.95 36.90
N HIS B 198 -15.52 -46.08 37.48
CA HIS B 198 -15.02 -44.85 38.09
C HIS B 198 -15.07 -44.95 39.61
N GLN B 199 -14.20 -44.17 40.25
CA GLN B 199 -14.14 -44.15 41.71
C GLN B 199 -15.46 -43.69 42.31
N GLY B 200 -15.99 -42.57 41.82
CA GLY B 200 -17.25 -42.06 42.33
C GLY B 200 -18.41 -43.02 42.19
N LEU B 201 -18.32 -43.95 41.25
CA LEU B 201 -19.35 -44.96 41.11
C LEU B 201 -19.26 -45.97 42.26
N SER B 202 -20.39 -46.63 42.52
CA SER B 202 -20.45 -47.73 43.45
C SER B 202 -20.46 -49.09 42.79
N SER B 203 -20.90 -49.16 41.52
CA SER B 203 -20.92 -50.38 40.75
C SER B 203 -20.68 -50.02 39.30
N PRO B 204 -20.10 -50.91 38.50
CA PRO B 204 -19.86 -50.57 37.09
C PRO B 204 -21.14 -50.50 36.30
N VAL B 205 -21.57 -49.29 35.98
CA VAL B 205 -22.77 -49.08 35.18
C VAL B 205 -22.40 -49.21 33.71
N THR B 206 -23.38 -49.59 32.89
CA THR B 206 -23.13 -49.83 31.47
C THR B 206 -24.38 -49.49 30.68
N LYS B 207 -24.28 -48.51 29.80
CA LYS B 207 -25.33 -48.22 28.83
C LYS B 207 -25.06 -49.02 27.57
N SER B 208 -26.12 -49.57 26.98
CA SER B 208 -25.98 -50.42 25.81
C SER B 208 -27.14 -50.18 24.86
N PHE B 209 -27.16 -50.95 23.77
CA PHE B 209 -28.23 -50.90 22.79
C PHE B 209 -28.10 -52.13 21.90
N ASN B 210 -28.99 -52.24 20.92
CA ASN B 210 -28.97 -53.33 19.96
C ASN B 210 -29.04 -52.74 18.56
N ARG B 211 -28.15 -53.18 17.68
CA ARG B 211 -28.05 -52.62 16.35
C ARG B 211 -29.35 -52.84 15.58
N GLY B 212 -29.79 -51.82 14.86
CA GLY B 212 -31.00 -51.86 14.08
C GLY B 212 -32.26 -51.53 14.86
N GLU B 213 -32.23 -51.65 16.19
CA GLU B 213 -33.40 -51.36 16.99
C GLU B 213 -33.70 -49.87 17.00
N CYS B 214 -32.76 -49.06 17.46
CA CYS B 214 -32.94 -47.62 17.51
C CYS B 214 -32.72 -46.98 16.14
N GLN C 1 -9.51 -0.28 20.72
CA GLN C 1 -8.54 -0.41 21.80
C GLN C 1 -7.30 -1.13 21.28
N VAL C 2 -6.23 -1.14 22.09
CA VAL C 2 -4.96 -1.72 21.68
C VAL C 2 -5.17 -3.18 21.33
N GLN C 3 -4.91 -3.53 20.07
CA GLN C 3 -4.99 -4.90 19.60
C GLN C 3 -3.74 -5.21 18.80
N LEU C 4 -3.61 -6.48 18.41
CA LEU C 4 -2.52 -6.88 17.53
C LEU C 4 -3.02 -8.04 16.68
N VAL C 5 -3.51 -7.73 15.49
CA VAL C 5 -4.03 -8.72 14.56
C VAL C 5 -2.87 -9.25 13.74
N GLU C 6 -2.85 -10.56 13.52
CA GLU C 6 -1.79 -11.21 12.78
C GLU C 6 -2.26 -11.61 11.39
N SER C 7 -1.30 -11.82 10.51
CA SER C 7 -1.60 -12.18 9.13
C SER C 7 -1.93 -13.66 9.05
N GLY C 8 -2.01 -14.17 7.83
CA GLY C 8 -2.40 -15.56 7.62
C GLY C 8 -1.29 -16.55 7.88
N GLY C 9 -1.48 -17.77 7.39
CA GLY C 9 -0.53 -18.84 7.59
C GLY C 9 -0.99 -20.09 6.87
N GLY C 10 -0.94 -21.22 7.55
CA GLY C 10 -1.39 -22.48 6.97
C GLY C 10 -0.22 -23.37 6.63
N LEU C 11 -0.52 -24.40 5.85
CA LEU C 11 0.49 -25.38 5.49
C LEU C 11 1.61 -24.74 4.67
N VAL C 12 2.82 -25.22 4.90
CA VAL C 12 3.99 -24.81 4.14
C VAL C 12 4.88 -26.03 3.96
N LYS C 13 5.36 -26.24 2.74
CA LYS C 13 6.25 -27.35 2.47
C LYS C 13 7.51 -27.23 3.31
N PRO C 14 8.17 -28.35 3.62
CA PRO C 14 9.43 -28.28 4.35
C PRO C 14 10.47 -27.48 3.57
N GLY C 15 11.18 -26.61 4.28
CA GLY C 15 12.17 -25.75 3.67
C GLY C 15 11.61 -24.59 2.89
N GLY C 16 10.29 -24.41 2.86
CA GLY C 16 9.68 -23.33 2.12
C GLY C 16 9.84 -21.98 2.78
N SER C 17 8.92 -21.07 2.51
CA SER C 17 9.01 -19.72 3.06
C SER C 17 7.63 -19.12 3.16
N LEU C 18 7.50 -18.09 4.00
CA LEU C 18 6.23 -17.43 4.22
C LEU C 18 6.50 -16.08 4.85
N ARG C 19 5.57 -15.15 4.64
CA ARG C 19 5.65 -13.83 5.21
C ARG C 19 4.51 -13.63 6.20
N LEU C 20 4.86 -13.16 7.39
CA LEU C 20 3.88 -12.88 8.43
C LEU C 20 3.83 -11.39 8.70
N SER C 21 2.64 -10.90 9.04
CA SER C 21 2.47 -9.49 9.36
C SER C 21 1.78 -9.37 10.71
N CYS C 22 1.74 -8.15 11.23
CA CYS C 22 1.09 -7.89 12.51
C CYS C 22 0.61 -6.44 12.46
N ALA C 23 -0.64 -6.26 12.04
CA ALA C 23 -1.23 -4.93 12.04
C ALA C 23 -1.37 -4.42 13.46
N ALA C 24 -1.37 -3.10 13.60
CA ALA C 24 -1.46 -2.48 14.91
C ALA C 24 -2.60 -1.47 14.94
N SER C 25 -2.91 -0.98 16.13
CA SER C 25 -3.95 0.02 16.32
C SER C 25 -3.93 0.47 17.77
N GLY C 26 -4.30 1.73 17.99
CA GLY C 26 -4.45 2.26 19.33
C GLY C 26 -3.17 2.71 20.00
N PHE C 27 -2.07 2.84 19.26
CA PHE C 27 -0.80 3.27 19.84
C PHE C 27 0.12 3.66 18.70
N THR C 28 0.95 4.67 18.94
CA THR C 28 1.86 5.14 17.91
C THR C 28 2.92 4.08 17.67
N PHE C 29 2.72 3.28 16.63
CA PHE C 29 3.55 2.10 16.37
C PHE C 29 5.03 2.41 16.24
N SER C 30 5.41 3.68 16.17
CA SER C 30 6.80 4.05 15.99
C SER C 30 7.55 4.24 17.30
N ASP C 31 6.98 3.82 18.42
CA ASP C 31 7.55 4.13 19.73
C ASP C 31 7.79 2.89 20.58
N TYR C 32 7.82 1.71 19.97
CA TYR C 32 7.92 0.48 20.73
C TYR C 32 8.84 -0.49 20.00
N TYR C 33 9.56 -1.29 20.78
CA TYR C 33 10.33 -2.39 20.20
C TYR C 33 9.37 -3.45 19.68
N MET C 34 9.92 -4.53 19.15
CA MET C 34 9.11 -5.65 18.71
C MET C 34 9.89 -6.94 18.92
N SER C 35 9.15 -8.04 19.07
CA SER C 35 9.75 -9.35 19.27
C SER C 35 8.75 -10.42 18.88
N TRP C 36 9.28 -11.59 18.55
CA TRP C 36 8.47 -12.71 18.09
C TRP C 36 8.76 -13.93 18.95
N ILE C 37 7.71 -14.49 19.55
CA ILE C 37 7.81 -15.63 20.44
C ILE C 37 6.95 -16.75 19.86
N ARG C 38 7.48 -17.97 19.88
CA ARG C 38 6.80 -19.13 19.35
C ARG C 38 6.61 -20.18 20.44
N GLN C 39 5.53 -20.93 20.32
CA GLN C 39 5.18 -21.96 21.30
C GLN C 39 4.66 -23.18 20.57
N ALA C 40 5.42 -24.27 20.60
CA ALA C 40 4.97 -25.52 20.02
C ALA C 40 3.69 -25.98 20.70
N PRO C 41 2.93 -26.87 20.05
CA PRO C 41 1.70 -27.37 20.67
C PRO C 41 1.96 -28.09 21.99
N GLY C 42 1.47 -27.51 23.09
CA GLY C 42 1.60 -28.12 24.39
C GLY C 42 3.03 -28.22 24.89
N LYS C 43 3.79 -27.13 24.77
CA LYS C 43 5.17 -27.10 25.25
C LYS C 43 5.43 -25.72 25.83
N GLY C 44 6.71 -25.44 26.11
CA GLY C 44 7.08 -24.17 26.70
C GLY C 44 7.36 -23.10 25.67
N LEU C 45 7.36 -21.86 26.13
CA LEU C 45 7.62 -20.74 25.24
C LEU C 45 9.09 -20.71 24.85
N GLU C 46 9.40 -19.86 23.87
CA GLU C 46 10.73 -19.82 23.27
C GLU C 46 10.90 -18.50 22.54
N TRP C 47 11.91 -17.72 22.92
CA TRP C 47 12.19 -16.49 22.20
C TRP C 47 12.84 -16.81 20.86
N VAL C 48 12.50 -16.02 19.85
CA VAL C 48 13.02 -16.26 18.50
C VAL C 48 13.77 -15.04 18.01
N SER C 49 13.07 -13.91 17.91
CA SER C 49 13.62 -12.73 17.27
C SER C 49 13.35 -11.50 18.11
N TYR C 50 14.04 -10.41 17.78
CA TYR C 50 13.88 -9.16 18.50
C TYR C 50 14.46 -8.05 17.67
N ILE C 51 13.63 -7.06 17.33
CA ILE C 51 14.01 -5.96 16.47
C ILE C 51 13.81 -4.65 17.22
N THR C 52 14.73 -3.71 17.04
CA THR C 52 14.60 -2.41 17.66
C THR C 52 13.65 -1.56 16.81
N TYR C 53 13.65 -0.25 17.07
CA TYR C 53 12.64 0.64 16.53
C TYR C 53 12.86 0.93 15.05
N SER C 54 14.12 1.01 14.61
CA SER C 54 14.44 1.53 13.28
C SER C 54 15.06 0.49 12.36
N GLY C 55 15.03 -0.79 12.74
CA GLY C 55 15.77 -1.76 11.95
C GLY C 55 17.26 -1.57 12.00
N SER C 56 17.75 -0.76 12.94
CA SER C 56 19.19 -0.53 13.06
C SER C 56 19.89 -1.76 13.61
N THR C 57 19.43 -2.26 14.75
CA THR C 57 20.01 -3.43 15.39
C THR C 57 19.04 -4.59 15.30
N ILE C 58 19.60 -5.79 15.12
CA ILE C 58 18.81 -6.99 14.90
C ILE C 58 19.41 -8.13 15.73
N TYR C 59 18.55 -8.89 16.39
CA TYR C 59 18.97 -10.05 17.16
C TYR C 59 18.14 -11.26 16.77
N TYR C 60 18.77 -12.43 16.73
CA TYR C 60 18.09 -13.70 16.49
C TYR C 60 18.47 -14.69 17.58
N ALA C 61 17.75 -15.80 17.61
CA ALA C 61 18.14 -16.90 18.47
C ALA C 61 19.22 -17.74 17.78
N ASP C 62 20.11 -18.32 18.59
CA ASP C 62 21.22 -19.07 18.05
C ASP C 62 20.78 -20.24 17.18
N SER C 63 19.57 -20.75 17.39
CA SER C 63 19.06 -21.85 16.60
C SER C 63 18.39 -21.39 15.31
N VAL C 64 18.02 -20.12 15.22
CA VAL C 64 17.31 -19.62 14.05
C VAL C 64 18.15 -18.68 13.19
N LYS C 65 19.38 -18.37 13.60
CA LYS C 65 20.20 -17.40 12.90
C LYS C 65 20.49 -17.85 11.47
N GLY C 66 20.63 -16.89 10.57
CA GLY C 66 20.89 -17.17 9.18
C GLY C 66 19.66 -17.56 8.38
N ARG C 67 18.50 -17.65 9.02
CA ARG C 67 17.27 -18.03 8.34
C ARG C 67 16.12 -17.07 8.57
N PHE C 68 16.18 -16.22 9.59
CA PHE C 68 15.10 -15.31 9.93
C PHE C 68 15.47 -13.88 9.56
N THR C 69 14.44 -13.06 9.40
CA THR C 69 14.64 -11.63 9.19
C THR C 69 13.42 -10.88 9.68
N ILE C 70 13.65 -9.65 10.13
CA ILE C 70 12.58 -8.78 10.61
C ILE C 70 12.63 -7.50 9.79
N SER C 71 11.58 -6.69 9.95
CA SER C 71 11.50 -5.39 9.32
C SER C 71 10.48 -4.55 10.06
N ARG C 72 10.40 -3.28 9.70
CA ARG C 72 9.43 -2.38 10.27
C ARG C 72 8.93 -1.45 9.19
N ASP C 73 7.85 -0.73 9.50
CA ASP C 73 7.33 0.29 8.60
C ASP C 73 6.56 1.29 9.45
N ASN C 74 7.21 2.40 9.76
CA ASN C 74 6.58 3.41 10.60
C ASN C 74 5.35 4.02 9.95
N ALA C 75 5.24 3.93 8.62
CA ALA C 75 4.07 4.50 7.95
C ALA C 75 2.85 3.60 8.11
N LYS C 76 2.94 2.37 7.61
CA LYS C 76 1.84 1.43 7.69
C LYS C 76 1.58 0.96 9.11
N SER C 77 2.43 1.32 10.07
CA SER C 77 2.27 0.93 11.47
C SER C 77 2.12 -0.58 11.59
N SER C 78 2.89 -1.32 10.78
CA SER C 78 2.73 -2.76 10.69
C SER C 78 4.08 -3.43 10.66
N LEU C 79 4.28 -4.37 11.58
CA LEU C 79 5.50 -5.17 11.66
C LEU C 79 5.39 -6.38 10.76
N TYR C 80 6.52 -6.77 10.18
CA TYR C 80 6.57 -7.91 9.27
C TYR C 80 7.59 -8.93 9.76
N LEU C 81 7.62 -10.06 9.07
CA LEU C 81 8.62 -11.10 9.31
C LEU C 81 8.55 -12.08 8.15
N GLN C 82 9.71 -12.41 7.60
CA GLN C 82 9.82 -13.43 6.56
C GLN C 82 10.76 -14.52 7.04
N MET C 83 10.29 -15.76 6.99
CA MET C 83 11.07 -16.90 7.46
C MET C 83 11.37 -17.81 6.28
N ASN C 84 12.64 -18.20 6.16
CA ASN C 84 13.09 -19.01 5.03
C ASN C 84 13.88 -20.21 5.54
N SER C 85 13.95 -21.24 4.72
CA SER C 85 14.56 -22.52 5.09
C SER C 85 13.92 -23.09 6.35
N LEU C 86 12.60 -23.28 6.26
CA LEU C 86 11.83 -23.75 7.41
C LEU C 86 12.19 -25.18 7.78
N ARG C 87 12.44 -25.41 9.06
CA ARG C 87 12.58 -26.75 9.59
C ARG C 87 11.23 -27.26 10.09
N ALA C 88 11.09 -28.58 10.13
CA ALA C 88 9.82 -29.18 10.51
C ALA C 88 9.42 -28.81 11.93
N GLU C 89 10.38 -28.72 12.84
CA GLU C 89 10.11 -28.45 14.24
C GLU C 89 9.71 -27.01 14.51
N ASP C 90 9.70 -26.16 13.49
CA ASP C 90 9.31 -24.76 13.68
C ASP C 90 7.80 -24.58 13.78
N THR C 91 7.03 -25.65 13.64
CA THR C 91 5.58 -25.55 13.69
C THR C 91 5.12 -25.10 15.07
N ALA C 92 4.46 -23.95 15.12
CA ALA C 92 4.00 -23.38 16.39
C ALA C 92 3.04 -22.26 16.04
N VAL C 93 2.64 -21.52 17.07
CA VAL C 93 1.83 -20.32 16.90
C VAL C 93 2.74 -19.14 17.22
N TYR C 94 3.20 -18.45 16.19
CA TYR C 94 4.11 -17.32 16.36
C TYR C 94 3.30 -16.09 16.73
N TYR C 95 3.57 -15.55 17.91
CA TYR C 95 2.81 -14.41 18.42
C TYR C 95 3.40 -13.12 17.86
N CYS C 96 2.98 -11.98 18.42
CA CYS C 96 3.47 -10.67 17.98
C CYS C 96 3.62 -9.82 19.24
N ALA C 97 4.86 -9.66 19.69
CA ALA C 97 5.14 -9.11 21.01
C ALA C 97 5.89 -7.81 20.91
N ARG C 98 5.38 -6.77 21.56
CA ARG C 98 6.13 -5.53 21.71
C ARG C 98 7.14 -5.70 22.84
N ASP C 99 7.88 -4.64 23.17
CA ASP C 99 8.83 -4.72 24.27
C ASP C 99 9.20 -3.35 24.83
N ARG C 100 9.22 -3.26 26.16
CA ARG C 100 9.68 -2.08 26.87
C ARG C 100 9.01 -0.82 26.32
N GLY C 101 7.70 -0.74 26.50
CA GLY C 101 6.92 0.34 25.95
C GLY C 101 7.26 1.72 26.48
N THR C 102 6.48 2.72 26.07
CA THR C 102 6.79 4.10 26.39
C THR C 102 6.98 4.32 27.88
N THR C 103 6.07 3.83 28.72
CA THR C 103 6.21 4.11 30.14
C THR C 103 7.43 3.40 30.74
N MET C 104 7.31 2.11 31.07
CA MET C 104 8.48 1.25 31.16
C MET C 104 8.15 -0.21 30.90
N VAL C 105 6.88 -0.57 31.01
CA VAL C 105 6.47 -1.95 31.27
C VAL C 105 6.74 -2.83 30.07
N PRO C 106 7.38 -3.98 30.26
CA PRO C 106 7.71 -4.85 29.12
C PRO C 106 6.57 -5.75 28.72
N PHE C 107 6.65 -6.27 27.50
CA PHE C 107 5.79 -7.34 27.01
C PHE C 107 4.33 -7.15 27.39
N ASP C 108 3.75 -6.05 26.96
CA ASP C 108 2.36 -5.70 27.15
C ASP C 108 1.48 -6.46 26.18
N TYR C 109 0.32 -5.90 25.86
CA TYR C 109 -0.89 -6.59 25.40
C TYR C 109 -0.72 -7.57 24.23
N TRP C 110 0.52 -7.89 23.84
CA TRP C 110 0.81 -8.79 22.73
C TRP C 110 -0.22 -9.88 22.53
N GLY C 111 -0.70 -10.04 21.31
CA GLY C 111 -2.01 -10.64 21.07
C GLY C 111 -2.08 -12.05 20.54
N GLN C 112 -3.11 -12.30 19.73
CA GLN C 112 -3.62 -13.66 19.52
C GLN C 112 -2.58 -14.58 18.90
N GLY C 113 -2.19 -14.29 17.67
CA GLY C 113 -1.22 -15.12 16.99
C GLY C 113 -1.86 -15.98 15.91
N THR C 114 -1.00 -16.53 15.06
CA THR C 114 -1.43 -17.29 13.89
C THR C 114 -0.68 -18.61 13.85
N LEU C 115 -1.41 -19.70 13.60
CA LEU C 115 -0.77 -20.99 13.47
C LEU C 115 0.07 -21.05 12.21
N VAL C 116 1.22 -21.73 12.30
CA VAL C 116 2.06 -22.01 11.15
C VAL C 116 2.55 -23.45 11.29
N THR C 117 2.34 -24.25 10.26
CA THR C 117 2.68 -25.66 10.30
C THR C 117 3.74 -25.98 9.26
N VAL C 118 4.40 -27.13 9.45
CA VAL C 118 5.36 -27.66 8.50
C VAL C 118 4.96 -29.10 8.22
N SER C 119 4.17 -29.31 7.16
CA SER C 119 3.75 -30.64 6.77
C SER C 119 3.24 -30.58 5.34
N SER C 120 3.08 -31.76 4.74
CA SER C 120 2.56 -31.83 3.38
C SER C 120 1.79 -33.14 3.21
N ALA C 121 0.49 -33.10 3.48
CA ALA C 121 -0.40 -34.17 3.06
C ALA C 121 -1.49 -33.68 2.11
N SER C 122 -2.31 -32.73 2.55
CA SER C 122 -3.42 -32.19 1.76
C SER C 122 -4.04 -31.03 2.52
N THR C 123 -5.13 -30.47 2.00
CA THR C 123 -5.89 -29.44 2.70
C THR C 123 -7.39 -29.77 2.60
N LYS C 124 -7.73 -31.01 2.90
CA LYS C 124 -9.09 -31.49 2.71
C LYS C 124 -10.01 -30.96 3.83
N GLY C 125 -11.31 -31.06 3.57
CA GLY C 125 -12.31 -30.57 4.48
C GLY C 125 -13.02 -31.67 5.24
N PRO C 126 -13.83 -31.29 6.22
CA PRO C 126 -14.45 -32.28 7.10
C PRO C 126 -15.79 -32.79 6.58
N SER C 127 -16.22 -33.91 7.16
CA SER C 127 -17.54 -34.48 6.95
C SER C 127 -18.21 -34.65 8.30
N VAL C 128 -19.53 -34.49 8.32
CA VAL C 128 -20.29 -34.45 9.58
C VAL C 128 -21.28 -35.59 9.61
N PHE C 129 -21.56 -36.08 10.82
CA PHE C 129 -22.59 -37.08 11.07
C PHE C 129 -23.33 -36.72 12.34
N PRO C 130 -24.65 -36.83 12.36
CA PRO C 130 -25.44 -36.44 13.53
C PRO C 130 -25.50 -37.56 14.57
N LEU C 131 -25.99 -37.19 15.76
CA LEU C 131 -26.13 -38.11 16.88
C LEU C 131 -27.40 -37.77 17.65
N ALA C 132 -28.34 -38.71 17.70
CA ALA C 132 -29.62 -38.53 18.36
C ALA C 132 -29.91 -39.69 19.31
N PRO C 133 -30.66 -39.45 20.39
CA PRO C 133 -30.98 -40.51 21.36
C PRO C 133 -31.96 -41.54 20.82
N THR C 142 -34.28 -37.15 29.67
CA THR C 142 -33.00 -36.49 29.93
C THR C 142 -31.90 -37.07 29.04
N ALA C 143 -31.78 -36.54 27.84
CA ALA C 143 -30.80 -37.02 26.86
C ALA C 143 -29.95 -35.84 26.38
N ALA C 144 -29.13 -36.09 25.37
CA ALA C 144 -28.24 -35.09 24.82
C ALA C 144 -28.10 -35.30 23.32
N LEU C 145 -27.65 -34.25 22.63
CA LEU C 145 -27.47 -34.28 21.19
C LEU C 145 -26.01 -33.98 20.85
N GLY C 146 -25.66 -34.22 19.59
CA GLY C 146 -24.32 -33.92 19.14
C GLY C 146 -24.16 -34.24 17.67
N CYS C 147 -23.16 -33.62 17.07
CA CYS C 147 -22.74 -33.90 15.72
C CYS C 147 -21.24 -34.17 15.70
N LEU C 148 -20.81 -35.07 14.82
CA LEU C 148 -19.44 -35.57 14.81
C LEU C 148 -18.76 -35.13 13.53
N VAL C 149 -17.65 -34.41 13.67
CA VAL C 149 -16.77 -34.12 12.54
C VAL C 149 -15.60 -35.09 12.58
N LYS C 150 -15.12 -35.49 11.42
CA LYS C 150 -14.12 -36.54 11.37
C LYS C 150 -13.26 -36.41 10.13
N ASP C 151 -12.00 -36.80 10.25
CA ASP C 151 -11.06 -36.88 9.14
C ASP C 151 -10.90 -35.53 8.44
N TYR C 152 -10.38 -34.57 9.19
CA TYR C 152 -10.09 -33.25 8.65
C TYR C 152 -8.65 -32.88 8.93
N PHE C 153 -8.16 -31.91 8.16
CA PHE C 153 -6.79 -31.42 8.28
C PHE C 153 -6.65 -30.12 7.49
N PRO C 154 -5.88 -29.15 7.99
CA PRO C 154 -5.28 -29.18 9.32
C PRO C 154 -6.05 -28.34 10.31
N GLU C 155 -5.60 -28.35 11.55
CA GLU C 155 -6.25 -27.59 12.59
C GLU C 155 -6.16 -26.10 12.30
N PRO C 156 -7.07 -25.30 12.86
CA PRO C 156 -8.18 -25.68 13.74
C PRO C 156 -9.52 -25.76 13.04
N VAL C 157 -10.56 -26.13 13.78
CA VAL C 157 -11.93 -26.14 13.28
C VAL C 157 -12.84 -25.67 14.41
N THR C 158 -13.55 -24.57 14.18
CA THR C 158 -14.50 -24.05 15.15
C THR C 158 -15.91 -24.50 14.76
N VAL C 159 -16.73 -24.76 15.78
CA VAL C 159 -18.08 -25.27 15.57
C VAL C 159 -19.05 -24.44 16.40
N SER C 160 -20.19 -24.09 15.81
CA SER C 160 -21.25 -23.37 16.51
C SER C 160 -22.57 -24.08 16.27
N TRP C 161 -23.42 -24.10 17.29
CA TRP C 161 -24.72 -24.75 17.21
C TRP C 161 -25.78 -23.72 16.89
N ASN C 162 -26.52 -23.94 15.80
CA ASN C 162 -27.56 -23.01 15.35
C ASN C 162 -26.98 -21.60 15.22
N SER C 163 -25.81 -21.50 14.61
CA SER C 163 -25.07 -20.25 14.50
C SER C 163 -24.89 -19.61 15.87
N GLY C 164 -24.48 -20.43 16.83
CA GLY C 164 -24.25 -19.93 18.18
C GLY C 164 -25.50 -19.51 18.90
N ALA C 165 -26.65 -20.10 18.56
CA ALA C 165 -27.87 -19.76 19.27
C ALA C 165 -27.89 -20.31 20.68
N LEU C 166 -27.18 -21.40 20.93
CA LEU C 166 -27.13 -22.04 22.24
C LEU C 166 -25.76 -21.77 22.87
N THR C 167 -25.76 -21.42 24.15
CA THR C 167 -24.53 -21.06 24.85
C THR C 167 -24.20 -21.97 26.02
N SER C 168 -25.19 -22.63 26.62
CA SER C 168 -24.97 -23.46 27.79
C SER C 168 -25.31 -24.91 27.44
N GLY C 169 -24.76 -25.84 28.20
CA GLY C 169 -24.98 -27.24 27.93
C GLY C 169 -24.33 -27.72 26.66
N VAL C 170 -23.23 -27.09 26.27
CA VAL C 170 -22.52 -27.42 25.04
C VAL C 170 -21.10 -27.82 25.40
N HIS C 171 -20.57 -28.80 24.68
CA HIS C 171 -19.20 -29.27 24.92
C HIS C 171 -18.53 -29.52 23.58
N THR C 172 -17.22 -29.26 23.54
CA THR C 172 -16.42 -29.49 22.35
C THR C 172 -15.15 -30.22 22.78
N PHE C 173 -14.91 -31.38 22.20
CA PHE C 173 -13.69 -32.01 22.70
C PHE C 173 -12.48 -31.60 21.84
N PRO C 174 -11.35 -31.34 22.48
CA PRO C 174 -10.13 -31.06 21.71
C PRO C 174 -9.74 -32.25 20.86
N ALA C 175 -9.49 -31.98 19.59
CA ALA C 175 -9.24 -33.05 18.63
C ALA C 175 -7.95 -33.77 18.92
N VAL C 176 -7.84 -34.99 18.43
CA VAL C 176 -6.63 -35.76 18.52
C VAL C 176 -6.18 -36.12 17.11
N LEU C 177 -5.04 -36.80 17.02
CA LEU C 177 -4.52 -37.25 15.74
C LEU C 177 -5.00 -38.67 15.47
N GLN C 178 -5.67 -38.87 14.35
CA GLN C 178 -6.04 -40.21 13.93
C GLN C 178 -4.83 -40.94 13.36
N SER C 179 -4.87 -42.26 13.42
CA SER C 179 -3.77 -43.08 12.90
C SER C 179 -3.55 -42.85 11.42
N SER C 180 -4.58 -42.42 10.68
CA SER C 180 -4.40 -42.13 9.27
C SER C 180 -3.49 -40.92 9.06
N GLY C 181 -3.60 -39.93 9.94
CA GLY C 181 -2.80 -38.73 9.81
C GLY C 181 -3.65 -37.48 9.78
N LEU C 182 -4.91 -37.60 10.20
CA LEU C 182 -5.83 -36.48 10.25
C LEU C 182 -6.31 -36.25 11.67
N TYR C 183 -7.05 -35.17 11.85
CA TYR C 183 -7.67 -34.85 13.13
C TYR C 183 -9.17 -35.09 13.06
N SER C 184 -9.77 -35.22 14.24
CA SER C 184 -11.20 -35.43 14.35
C SER C 184 -11.63 -35.11 15.78
N LEU C 185 -12.58 -34.19 15.91
CA LEU C 185 -13.08 -33.84 17.22
C LEU C 185 -14.55 -34.20 17.34
N SER C 186 -15.18 -33.84 18.45
CA SER C 186 -16.59 -34.10 18.64
C SER C 186 -17.18 -33.01 19.51
N SER C 187 -18.48 -32.77 19.33
CA SER C 187 -19.18 -31.81 20.15
C SER C 187 -20.56 -32.33 20.47
N VAL C 188 -20.95 -32.24 21.74
CA VAL C 188 -22.24 -32.73 22.20
C VAL C 188 -22.96 -31.60 22.93
N VAL C 189 -24.28 -31.71 22.96
CA VAL C 189 -25.14 -30.75 23.63
C VAL C 189 -26.25 -31.49 24.34
N THR C 190 -26.54 -31.09 25.57
CA THR C 190 -27.56 -31.73 26.38
C THR C 190 -28.70 -30.76 26.65
N VAL C 191 -29.89 -31.31 26.86
CA VAL C 191 -31.11 -30.53 27.06
C VAL C 191 -32.19 -31.47 27.59
N PRO C 192 -33.11 -30.99 28.42
CA PRO C 192 -34.27 -31.82 28.78
C PRO C 192 -35.09 -32.14 27.54
N SER C 193 -35.59 -33.38 27.48
CA SER C 193 -36.32 -33.89 26.32
C SER C 193 -37.69 -33.24 26.15
N SER C 194 -38.03 -32.23 26.95
CA SER C 194 -39.32 -31.57 26.83
C SER C 194 -39.51 -30.96 25.45
N SER C 195 -38.43 -30.49 24.83
CA SER C 195 -38.48 -29.86 23.51
C SER C 195 -37.67 -30.66 22.51
N LEU C 196 -37.76 -31.99 22.58
CA LEU C 196 -36.97 -32.84 21.68
C LEU C 196 -37.49 -32.74 20.25
N GLY C 197 -38.76 -33.09 20.04
CA GLY C 197 -39.33 -33.05 18.71
C GLY C 197 -39.79 -31.67 18.26
N THR C 198 -39.85 -30.72 19.18
CA THR C 198 -40.33 -29.38 18.84
C THR C 198 -39.26 -28.58 18.11
N GLN C 199 -38.14 -28.33 18.77
CA GLN C 199 -37.08 -27.50 18.20
C GLN C 199 -36.04 -28.34 17.50
N THR C 200 -35.44 -27.76 16.46
CA THR C 200 -34.42 -28.40 15.66
C THR C 200 -33.09 -27.69 15.84
N TYR C 201 -32.01 -28.38 15.49
CA TYR C 201 -30.67 -27.86 15.73
C TYR C 201 -29.74 -28.22 14.59
N ILE C 202 -28.73 -27.38 14.37
CA ILE C 202 -27.70 -27.60 13.37
C ILE C 202 -26.38 -27.08 13.93
N CYS C 203 -25.31 -27.83 13.72
CA CYS C 203 -23.98 -27.34 14.07
C CYS C 203 -23.30 -26.75 12.85
N ASN C 204 -22.58 -25.65 13.05
CA ASN C 204 -22.00 -24.87 11.98
C ASN C 204 -20.49 -25.08 11.97
N VAL C 205 -20.01 -25.82 10.98
CA VAL C 205 -18.57 -26.10 10.85
C VAL C 205 -17.92 -24.98 10.06
N ASN C 206 -16.64 -24.73 10.35
CA ASN C 206 -15.89 -23.67 9.67
C ASN C 206 -14.43 -24.13 9.58
N HIS C 207 -14.05 -24.70 8.44
CA HIS C 207 -12.69 -25.15 8.20
C HIS C 207 -12.01 -24.12 7.29
N LYS C 208 -11.41 -23.11 7.92
CA LYS C 208 -10.82 -22.01 7.16
C LYS C 208 -9.80 -22.45 6.11
N PRO C 209 -8.95 -23.44 6.33
CA PRO C 209 -8.06 -23.89 5.24
C PRO C 209 -8.79 -24.36 4.00
N SER C 210 -10.09 -24.64 4.08
CA SER C 210 -10.87 -25.01 2.92
C SER C 210 -12.20 -24.28 2.81
N ASN C 211 -12.63 -23.57 3.85
CA ASN C 211 -13.85 -22.77 3.83
C ASN C 211 -15.08 -23.60 3.51
N THR C 212 -14.99 -24.91 3.68
CA THR C 212 -16.09 -25.82 3.36
C THR C 212 -17.09 -25.79 4.50
N LYS C 213 -17.96 -24.78 4.51
CA LYS C 213 -18.95 -24.62 5.56
C LYS C 213 -20.11 -25.57 5.31
N VAL C 214 -20.37 -26.47 6.26
CA VAL C 214 -21.44 -27.45 6.16
C VAL C 214 -22.26 -27.41 7.45
N ASP C 215 -23.57 -27.58 7.31
CA ASP C 215 -24.47 -27.68 8.45
C ASP C 215 -25.30 -28.94 8.30
N LYS C 216 -25.96 -29.35 9.38
CA LYS C 216 -26.72 -30.59 9.35
C LYS C 216 -27.73 -30.61 10.49
N LYS C 217 -28.93 -31.09 10.17
CA LYS C 217 -29.99 -31.25 11.15
C LYS C 217 -29.70 -32.43 12.08
N VAL C 218 -30.31 -32.41 13.25
CA VAL C 218 -30.15 -33.46 14.25
C VAL C 218 -31.52 -33.75 14.86
N GLU C 219 -32.15 -34.84 14.42
CA GLU C 219 -33.40 -35.33 14.99
C GLU C 219 -33.46 -36.83 14.81
N PRO C 220 -34.06 -37.56 15.75
CA PRO C 220 -34.16 -39.02 15.67
C PRO C 220 -34.99 -39.49 14.48
N GLN D 1 18.15 31.70 -12.44
CA GLN D 1 16.71 31.59 -12.59
C GLN D 1 16.27 30.13 -12.51
N VAL D 2 15.02 29.91 -12.14
CA VAL D 2 14.49 28.56 -12.02
C VAL D 2 14.43 27.96 -13.43
N GLN D 3 15.31 27.00 -13.69
CA GLN D 3 15.43 26.38 -15.00
C GLN D 3 15.81 24.92 -14.83
N LEU D 4 15.74 24.18 -15.93
CA LEU D 4 16.13 22.78 -15.94
C LEU D 4 16.62 22.43 -17.33
N VAL D 5 17.72 21.68 -17.40
CA VAL D 5 18.33 21.28 -18.66
C VAL D 5 18.52 19.78 -18.64
N GLU D 6 17.91 19.10 -19.60
CA GLU D 6 18.04 17.65 -19.69
C GLU D 6 19.37 17.28 -20.33
N SER D 7 19.85 16.09 -20.00
CA SER D 7 21.15 15.66 -20.49
C SER D 7 21.13 15.39 -21.99
N GLY D 8 20.32 14.42 -22.40
CA GLY D 8 20.23 14.08 -23.80
C GLY D 8 20.06 12.59 -24.00
N GLY D 9 19.91 12.22 -25.26
CA GLY D 9 19.71 10.84 -25.62
C GLY D 9 19.46 10.73 -27.11
N GLY D 10 19.19 9.51 -27.55
CA GLY D 10 18.95 9.30 -28.95
C GLY D 10 18.35 7.93 -29.22
N VAL D 11 18.48 7.50 -30.47
CA VAL D 11 17.94 6.21 -30.88
C VAL D 11 18.74 5.09 -30.23
N VAL D 12 18.04 4.02 -29.85
CA VAL D 12 18.67 2.88 -29.19
C VAL D 12 17.94 1.62 -29.62
N GLN D 13 18.53 0.48 -29.33
CA GLN D 13 17.96 -0.81 -29.66
C GLN D 13 17.24 -1.40 -28.47
N PRO D 14 16.26 -2.27 -28.70
CA PRO D 14 15.53 -2.88 -27.58
C PRO D 14 16.43 -3.78 -26.74
N GLY D 15 15.98 -4.01 -25.51
CA GLY D 15 16.69 -4.86 -24.58
C GLY D 15 17.98 -4.29 -24.02
N ARG D 16 18.43 -3.16 -24.54
CA ARG D 16 19.67 -2.55 -24.06
C ARG D 16 19.36 -1.64 -22.87
N SER D 17 20.33 -0.80 -22.50
CA SER D 17 20.13 0.15 -21.42
C SER D 17 20.60 1.52 -21.88
N LEU D 18 20.25 2.54 -21.08
CA LEU D 18 20.64 3.91 -21.38
C LEU D 18 20.47 4.76 -20.13
N ARG D 19 21.35 5.74 -20.00
CA ARG D 19 21.34 6.65 -18.86
C ARG D 19 20.91 8.04 -19.32
N LEU D 20 20.10 8.71 -18.51
CA LEU D 20 19.67 10.07 -18.77
C LEU D 20 19.90 10.91 -17.51
N SER D 21 20.08 12.21 -17.72
CA SER D 21 20.30 13.10 -16.58
C SER D 21 19.55 14.41 -16.74
N CYS D 22 19.80 15.35 -15.85
CA CYS D 22 19.09 16.62 -15.84
C CYS D 22 19.91 17.62 -15.04
N ALA D 23 20.14 18.79 -15.62
CA ALA D 23 20.90 19.85 -14.96
C ALA D 23 19.95 20.85 -14.32
N ALA D 24 20.30 21.30 -13.12
CA ALA D 24 19.46 22.19 -12.35
C ALA D 24 20.24 23.44 -11.95
N SER D 25 19.50 24.51 -11.70
CA SER D 25 20.08 25.78 -11.28
C SER D 25 18.96 26.71 -10.86
N GLY D 26 19.27 27.61 -9.92
CA GLY D 26 18.33 28.61 -9.49
C GLY D 26 17.47 28.22 -8.30
N PHE D 27 17.74 27.08 -7.68
CA PHE D 27 16.95 26.64 -6.54
C PHE D 27 17.75 25.60 -5.77
N THR D 28 17.37 25.40 -4.51
CA THR D 28 18.02 24.40 -3.68
C THR D 28 17.64 23.01 -4.18
N PHE D 29 18.53 22.42 -4.98
CA PHE D 29 18.27 21.08 -5.51
C PHE D 29 18.18 20.04 -4.40
N SER D 30 18.83 20.29 -3.27
CA SER D 30 18.92 19.31 -2.20
C SER D 30 17.67 19.26 -1.34
N ASN D 31 16.65 20.07 -1.63
CA ASN D 31 15.49 20.18 -0.76
C ASN D 31 14.19 19.86 -1.49
N TYR D 32 14.24 19.13 -2.59
CA TYR D 32 13.03 18.80 -3.31
C TYR D 32 13.16 17.45 -3.97
N ALA D 33 12.01 16.84 -4.25
CA ALA D 33 11.97 15.56 -4.93
C ALA D 33 12.17 15.77 -6.43
N MET D 34 12.19 14.67 -7.16
CA MET D 34 12.30 14.70 -8.61
C MET D 34 11.42 13.61 -9.20
N TYR D 35 10.94 13.86 -10.41
CA TYR D 35 10.06 12.93 -11.09
C TYR D 35 10.43 12.92 -12.57
N TRP D 36 9.80 12.01 -13.31
CA TRP D 36 10.03 11.92 -14.74
C TRP D 36 8.73 11.54 -15.42
N VAL D 37 8.34 12.34 -16.42
CA VAL D 37 7.10 12.15 -17.13
C VAL D 37 7.42 11.91 -18.60
N ARG D 38 6.73 10.94 -19.20
CA ARG D 38 6.93 10.58 -20.59
C ARG D 38 5.63 10.77 -21.36
N GLN D 39 5.77 11.15 -22.63
CA GLN D 39 4.62 11.38 -23.49
C GLN D 39 4.86 10.71 -24.83
N ALA D 40 4.02 9.74 -25.18
CA ALA D 40 4.10 9.11 -26.47
C ALA D 40 3.83 10.13 -27.58
N PRO D 41 4.35 9.91 -28.79
CA PRO D 41 4.12 10.88 -29.87
C PRO D 41 2.64 11.08 -30.15
N GLY D 42 2.16 12.30 -29.90
CA GLY D 42 0.77 12.64 -30.17
C GLY D 42 -0.23 11.94 -29.27
N LYS D 43 0.08 11.81 -27.98
CA LYS D 43 -0.81 11.13 -27.06
C LYS D 43 -0.75 11.85 -25.71
N GLY D 44 -1.28 11.19 -24.68
CA GLY D 44 -1.28 11.74 -23.35
C GLY D 44 0.05 11.57 -22.66
N LEU D 45 0.07 11.93 -21.39
CA LEU D 45 1.28 11.81 -20.57
C LEU D 45 1.21 10.53 -19.75
N GLU D 46 2.30 10.23 -19.04
CA GLU D 46 2.38 9.05 -18.19
C GLU D 46 3.50 9.21 -17.16
N TRP D 47 3.16 9.10 -15.88
CA TRP D 47 4.18 9.15 -14.85
C TRP D 47 5.10 7.94 -14.97
N VAL D 48 6.38 8.16 -14.67
CA VAL D 48 7.36 7.08 -14.77
C VAL D 48 7.85 6.68 -13.39
N ALA D 49 8.49 7.61 -12.69
CA ALA D 49 9.09 7.27 -11.42
C ALA D 49 9.27 8.52 -10.57
N VAL D 50 9.56 8.29 -9.29
CA VAL D 50 9.82 9.34 -8.32
C VAL D 50 11.10 8.97 -7.59
N ILE D 51 11.76 9.98 -7.05
CA ILE D 51 12.91 9.77 -6.18
C ILE D 51 12.81 10.74 -5.02
N SER D 52 13.06 10.25 -3.81
CA SER D 52 12.92 11.08 -2.63
C SER D 52 13.93 12.21 -2.64
N TYR D 53 13.79 13.09 -1.66
CA TYR D 53 14.61 14.29 -1.63
C TYR D 53 16.05 14.02 -1.22
N ASP D 54 16.33 12.84 -0.68
CA ASP D 54 17.66 12.53 -0.17
C ASP D 54 18.08 11.12 -0.57
N GLY D 55 17.70 10.70 -1.77
CA GLY D 55 18.12 9.40 -2.28
C GLY D 55 17.73 8.25 -1.38
N SER D 56 16.62 8.38 -0.66
CA SER D 56 16.20 7.41 0.34
C SER D 56 15.11 6.48 -0.17
N ASN D 57 14.04 7.03 -0.72
CA ASN D 57 12.88 6.24 -1.14
C ASN D 57 12.76 6.26 -2.65
N LYS D 58 12.14 5.22 -3.20
CA LYS D 58 11.95 5.09 -4.64
C LYS D 58 10.58 4.53 -4.92
N TYR D 59 10.06 4.86 -6.11
CA TYR D 59 8.81 4.30 -6.60
C TYR D 59 8.93 4.15 -8.11
N TYR D 60 8.03 3.37 -8.70
CA TYR D 60 8.11 3.07 -10.11
C TYR D 60 6.72 2.83 -10.65
N ALA D 61 6.54 3.15 -11.94
CA ALA D 61 5.31 2.79 -12.62
C ALA D 61 5.27 1.29 -12.83
N ASP D 62 4.06 0.73 -12.75
CA ASP D 62 3.91 -0.72 -12.87
C ASP D 62 4.42 -1.25 -14.20
N SER D 63 4.53 -0.38 -15.21
CA SER D 63 5.09 -0.77 -16.49
C SER D 63 6.61 -0.73 -16.49
N VAL D 64 7.20 0.20 -15.74
CA VAL D 64 8.65 0.35 -15.72
C VAL D 64 9.29 -0.33 -14.52
N LYS D 65 8.50 -0.65 -13.49
CA LYS D 65 9.03 -1.24 -12.27
C LYS D 65 9.78 -2.54 -12.57
N GLY D 66 11.07 -2.56 -12.25
CA GLY D 66 11.94 -3.67 -12.56
C GLY D 66 12.87 -3.42 -13.72
N ARG D 67 12.77 -2.25 -14.35
CA ARG D 67 13.62 -1.93 -15.50
C ARG D 67 14.34 -0.60 -15.35
N PHE D 68 14.06 0.17 -14.31
CA PHE D 68 14.62 1.50 -14.17
C PHE D 68 15.27 1.67 -12.81
N THR D 69 16.25 2.57 -12.75
CA THR D 69 16.87 2.98 -11.50
C THR D 69 17.02 4.49 -11.52
N ILE D 70 16.75 5.11 -10.37
CA ILE D 70 16.94 6.55 -10.22
C ILE D 70 18.08 6.78 -9.24
N SER D 71 18.78 7.89 -9.43
CA SER D 71 19.87 8.25 -8.53
C SER D 71 20.14 9.74 -8.69
N ARG D 72 20.33 10.41 -7.56
CA ARG D 72 20.67 11.82 -7.55
C ARG D 72 21.98 12.03 -6.82
N ASP D 73 22.40 13.29 -6.74
CA ASP D 73 23.65 13.64 -6.07
C ASP D 73 23.55 15.08 -5.62
N ASN D 74 23.41 15.29 -4.31
CA ASN D 74 23.26 16.64 -3.78
C ASN D 74 24.50 17.49 -3.99
N SER D 75 25.65 16.87 -4.27
CA SER D 75 26.86 17.65 -4.48
C SER D 75 26.81 18.40 -5.81
N LYS D 76 26.61 17.68 -6.90
CA LYS D 76 26.59 18.28 -8.23
C LYS D 76 25.19 18.75 -8.65
N ASN D 77 24.19 18.57 -7.79
CA ASN D 77 22.81 18.94 -8.10
C ASN D 77 22.33 18.27 -9.38
N THR D 78 22.82 17.05 -9.61
CA THR D 78 22.63 16.36 -10.88
C THR D 78 21.87 15.07 -10.65
N LEU D 79 20.69 14.98 -11.24
CA LEU D 79 19.85 13.79 -11.17
C LEU D 79 20.19 12.85 -12.33
N TYR D 80 20.11 11.55 -12.06
CA TYR D 80 20.50 10.54 -13.03
C TYR D 80 19.38 9.54 -13.24
N LEU D 81 19.14 9.19 -14.50
CA LEU D 81 18.24 8.11 -14.88
C LEU D 81 19.04 6.95 -15.43
N GLN D 82 18.40 5.77 -15.44
CA GLN D 82 18.99 4.61 -16.09
C GLN D 82 17.86 3.71 -16.56
N MET D 83 17.50 3.86 -17.82
CA MET D 83 16.54 2.96 -18.45
C MET D 83 17.24 1.68 -18.87
N ASN D 84 16.89 0.57 -18.24
CA ASN D 84 17.47 -0.73 -18.56
C ASN D 84 16.41 -1.62 -19.17
N SER D 85 16.87 -2.63 -19.90
CA SER D 85 15.99 -3.52 -20.67
C SER D 85 15.05 -2.70 -21.56
N LEU D 86 15.66 -2.01 -22.53
CA LEU D 86 14.93 -1.11 -23.40
C LEU D 86 13.83 -1.83 -24.16
N ARG D 87 12.64 -1.24 -24.16
CA ARG D 87 11.53 -1.71 -24.97
C ARG D 87 11.09 -0.61 -25.93
N THR D 88 10.65 -1.02 -27.12
CA THR D 88 10.25 -0.06 -28.14
C THR D 88 9.04 0.76 -27.75
N GLU D 89 8.20 0.24 -26.84
CA GLU D 89 7.05 1.01 -26.39
C GLU D 89 7.48 2.25 -25.61
N ASP D 90 8.59 2.16 -24.87
CA ASP D 90 9.04 3.28 -24.06
C ASP D 90 9.43 4.49 -24.89
N THR D 91 9.48 4.37 -26.22
CA THR D 91 9.81 5.48 -27.09
C THR D 91 8.90 6.67 -26.82
N ALA D 92 9.48 7.76 -26.34
CA ALA D 92 8.76 8.98 -26.01
C ALA D 92 9.79 10.04 -25.69
N VAL D 93 9.32 11.24 -25.35
CA VAL D 93 10.18 12.31 -24.87
C VAL D 93 9.99 12.40 -23.36
N TYR D 94 11.09 12.36 -22.62
CA TYR D 94 11.04 12.23 -21.17
C TYR D 94 11.34 13.59 -20.56
N TYR D 95 10.51 14.00 -19.62
CA TYR D 95 10.60 15.34 -19.04
C TYR D 95 11.13 15.27 -17.62
N CYS D 96 12.03 16.21 -17.30
CA CYS D 96 12.64 16.29 -15.99
C CYS D 96 11.74 17.15 -15.10
N ALA D 97 11.17 16.54 -14.08
CA ALA D 97 10.14 17.19 -13.27
C ALA D 97 10.75 17.98 -12.13
N SER D 98 10.05 19.04 -11.72
CA SER D 98 10.54 19.92 -10.67
C SER D 98 10.64 19.29 -9.29
N GLY D 99 9.49 18.96 -8.71
CA GLY D 99 9.43 18.74 -7.28
C GLY D 99 9.36 20.06 -6.55
N SER D 100 8.83 21.08 -7.22
CA SER D 100 8.90 22.47 -6.75
C SER D 100 8.33 22.69 -5.36
N ASP D 101 8.62 23.86 -4.81
CA ASP D 101 8.10 24.31 -3.52
C ASP D 101 6.62 24.62 -3.63
N TYR D 102 6.05 25.17 -2.55
CA TYR D 102 4.62 25.38 -2.37
C TYR D 102 3.85 24.14 -2.80
N GLY D 103 4.46 22.98 -2.65
CA GLY D 103 3.84 21.78 -3.14
C GLY D 103 4.47 20.51 -2.61
N ASP D 104 4.19 19.44 -3.33
CA ASP D 104 4.42 18.07 -2.90
C ASP D 104 4.64 17.26 -4.17
N TYR D 105 4.26 15.99 -4.15
CA TYR D 105 4.41 15.14 -5.32
C TYR D 105 4.11 15.84 -6.64
N LEU D 106 3.22 16.84 -6.63
CA LEU D 106 2.85 17.52 -7.87
C LEU D 106 4.08 18.13 -8.56
N LEU D 107 3.89 18.53 -9.82
CA LEU D 107 4.99 18.89 -10.71
C LEU D 107 4.80 20.31 -11.20
N VAL D 108 5.88 21.11 -11.20
CA VAL D 108 5.75 22.51 -11.60
C VAL D 108 6.70 22.93 -12.71
N TYR D 109 8.01 22.90 -12.45
CA TYR D 109 8.95 23.63 -13.28
C TYR D 109 9.14 23.03 -14.66
N TRP D 110 9.18 21.69 -14.78
CA TRP D 110 8.99 21.02 -16.06
C TRP D 110 10.02 21.45 -17.10
N GLY D 111 11.26 21.03 -16.87
CA GLY D 111 12.29 21.17 -17.89
C GLY D 111 11.86 20.65 -19.25
N GLN D 112 12.56 21.08 -20.30
CA GLN D 112 12.05 20.90 -21.66
C GLN D 112 11.80 19.42 -21.98
N GLY D 113 12.85 18.62 -21.99
CA GLY D 113 12.66 17.20 -22.26
C GLY D 113 13.47 16.68 -23.42
N THR D 114 13.92 15.43 -23.30
CA THR D 114 14.75 14.80 -24.31
C THR D 114 13.94 13.72 -25.03
N LEU D 115 13.89 13.82 -26.35
CA LEU D 115 13.26 12.79 -27.16
C LEU D 115 14.19 11.58 -27.24
N VAL D 116 13.64 10.40 -26.97
CA VAL D 116 14.39 9.15 -27.08
C VAL D 116 13.48 8.10 -27.71
N THR D 117 13.99 7.42 -28.73
CA THR D 117 13.23 6.41 -29.45
C THR D 117 13.93 5.07 -29.31
N VAL D 118 13.14 4.00 -29.38
CA VAL D 118 13.66 2.64 -29.36
C VAL D 118 13.09 1.92 -30.58
N SER D 119 13.94 1.63 -31.55
CA SER D 119 13.51 0.94 -32.75
C SER D 119 14.73 0.39 -33.47
N SER D 120 14.68 -0.89 -33.79
CA SER D 120 15.78 -1.57 -34.48
C SER D 120 15.54 -1.55 -35.98
N ALA D 121 15.48 -0.35 -36.54
CA ALA D 121 15.22 -0.16 -37.95
C ALA D 121 16.50 0.19 -38.69
N SER D 122 16.51 -0.12 -39.98
CA SER D 122 17.68 0.09 -40.82
C SER D 122 17.79 1.57 -41.16
N THR D 123 18.85 2.22 -40.69
CA THR D 123 19.12 3.62 -41.01
C THR D 123 19.50 3.72 -42.48
N LYS D 124 18.57 4.17 -43.31
CA LYS D 124 18.78 4.23 -44.74
C LYS D 124 18.73 5.67 -45.22
N GLY D 125 19.67 6.04 -46.09
CA GLY D 125 19.74 7.36 -46.64
C GLY D 125 18.53 7.70 -47.48
N PRO D 126 18.27 8.99 -47.69
CA PRO D 126 17.07 9.40 -48.42
C PRO D 126 17.28 9.26 -49.92
N SER D 127 16.41 8.49 -50.55
CA SER D 127 16.38 8.38 -52.01
C SER D 127 15.18 9.17 -52.52
N VAL D 128 15.44 10.18 -53.35
CA VAL D 128 14.43 11.13 -53.78
C VAL D 128 14.10 10.89 -55.24
N PHE D 129 12.82 11.00 -55.58
CA PHE D 129 12.31 10.87 -56.93
C PHE D 129 11.25 11.92 -57.17
N PRO D 130 11.06 12.35 -58.42
CA PRO D 130 10.13 13.46 -58.68
C PRO D 130 8.68 13.04 -58.53
N LEU D 131 7.83 14.04 -58.27
CA LEU D 131 6.39 13.88 -58.20
C LEU D 131 5.81 14.82 -59.26
N ALA D 132 5.66 14.33 -60.47
CA ALA D 132 5.18 15.12 -61.58
C ALA D 132 3.91 14.51 -62.16
N PRO D 133 2.90 15.33 -62.49
CA PRO D 133 1.64 14.85 -63.05
C PRO D 133 1.79 14.27 -64.46
N THR D 142 -2.94 25.57 -61.35
CA THR D 142 -2.75 25.20 -59.95
C THR D 142 -2.05 23.84 -59.83
N ALA D 143 -1.44 23.41 -60.93
CA ALA D 143 -0.74 22.13 -60.94
C ALA D 143 0.43 22.15 -59.97
N ALA D 144 0.66 21.00 -59.33
CA ALA D 144 1.64 20.90 -58.26
C ALA D 144 2.78 19.99 -58.70
N LEU D 145 3.89 20.08 -57.96
CA LEU D 145 5.03 19.19 -58.10
C LEU D 145 5.47 18.74 -56.71
N GLY D 146 6.46 17.85 -56.67
CA GLY D 146 6.95 17.39 -55.39
C GLY D 146 8.12 16.46 -55.56
N CYS D 147 8.76 16.16 -54.44
CA CYS D 147 9.90 15.26 -54.38
C CYS D 147 9.60 14.15 -53.38
N LEU D 148 10.04 12.93 -53.71
CA LEU D 148 9.63 11.73 -52.99
C LEU D 148 10.80 11.25 -52.14
N VAL D 149 10.78 11.57 -50.86
CA VAL D 149 11.76 11.05 -49.90
C VAL D 149 11.11 9.88 -49.18
N LYS D 150 11.22 8.69 -49.76
CA LYS D 150 10.54 7.51 -49.27
C LYS D 150 11.55 6.48 -48.77
N ASP D 151 11.13 5.72 -47.75
CA ASP D 151 11.95 4.66 -47.17
C ASP D 151 13.27 5.20 -46.64
N TYR D 152 13.16 6.06 -45.63
CA TYR D 152 14.31 6.56 -44.90
C TYR D 152 14.14 6.24 -43.42
N PHE D 153 15.25 6.35 -42.69
CA PHE D 153 15.25 6.15 -41.25
C PHE D 153 16.51 6.77 -40.71
N PRO D 154 16.46 7.46 -39.56
CA PRO D 154 15.24 7.74 -38.80
C PRO D 154 14.64 9.11 -39.10
N GLU D 155 13.68 9.50 -38.26
CA GLU D 155 13.06 10.81 -38.29
C GLU D 155 13.99 11.86 -37.66
N PRO D 156 14.01 13.08 -38.20
CA PRO D 156 13.38 13.55 -39.44
C PRO D 156 14.38 13.89 -40.53
N VAL D 157 13.87 14.30 -41.69
CA VAL D 157 14.69 14.85 -42.77
C VAL D 157 14.09 16.19 -43.17
N THR D 158 14.91 17.23 -43.21
CA THR D 158 14.45 18.57 -43.56
C THR D 158 14.57 18.80 -45.06
N VAL D 159 13.63 19.57 -45.60
CA VAL D 159 13.59 19.90 -47.01
C VAL D 159 13.61 21.41 -47.16
N SER D 160 14.02 21.87 -48.34
CA SER D 160 14.06 23.30 -48.64
C SER D 160 14.04 23.47 -50.16
N TRP D 161 13.16 24.34 -50.65
CA TRP D 161 13.02 24.59 -52.07
C TRP D 161 13.89 25.76 -52.46
N ASN D 162 14.82 25.53 -53.39
CA ASN D 162 15.69 26.58 -53.95
C ASN D 162 16.50 27.28 -52.87
N SER D 163 16.84 26.56 -51.80
CA SER D 163 17.67 27.07 -50.71
C SER D 163 17.07 28.35 -50.10
N GLY D 164 15.82 28.26 -49.68
CA GLY D 164 15.17 29.37 -49.01
C GLY D 164 14.61 30.43 -49.93
N ALA D 165 14.09 30.04 -51.10
CA ALA D 165 13.50 30.98 -52.04
C ALA D 165 12.01 30.77 -52.27
N LEU D 166 11.50 29.56 -52.07
CA LEU D 166 10.09 29.25 -52.28
C LEU D 166 9.45 28.98 -50.92
N THR D 167 8.42 29.76 -50.60
CA THR D 167 7.72 29.61 -49.32
C THR D 167 6.21 29.53 -49.44
N SER D 168 5.60 30.14 -50.45
CA SER D 168 4.14 30.17 -50.59
C SER D 168 3.67 28.78 -51.03
N GLY D 169 2.97 28.08 -50.12
CA GLY D 169 2.41 26.79 -50.42
C GLY D 169 3.27 25.62 -50.01
N VAL D 170 3.77 25.66 -48.77
CA VAL D 170 4.62 24.60 -48.22
C VAL D 170 3.94 24.02 -47.00
N HIS D 171 3.68 22.72 -47.04
CA HIS D 171 3.02 22.01 -45.95
C HIS D 171 3.80 20.76 -45.60
N THR D 172 3.64 20.32 -44.36
CA THR D 172 4.23 19.07 -43.87
C THR D 172 3.11 18.08 -43.57
N PHE D 173 3.18 16.92 -44.19
CA PHE D 173 2.13 15.92 -44.07
C PHE D 173 2.50 14.87 -43.03
N PRO D 174 1.53 14.13 -42.51
CA PRO D 174 1.86 13.02 -41.60
C PRO D 174 2.52 11.87 -42.33
N ALA D 175 3.82 11.74 -42.15
CA ALA D 175 4.59 10.64 -42.72
C ALA D 175 4.72 9.54 -41.66
N VAL D 176 3.56 9.01 -41.28
CA VAL D 176 3.49 8.04 -40.18
C VAL D 176 4.41 6.86 -40.47
N LEU D 177 4.97 6.28 -39.42
CA LEU D 177 5.97 5.23 -39.55
C LEU D 177 5.38 4.04 -40.28
N GLN D 178 5.96 3.70 -41.43
CA GLN D 178 5.61 2.45 -42.08
C GLN D 178 6.05 1.28 -41.20
N SER D 179 5.14 0.33 -40.99
CA SER D 179 5.43 -0.78 -40.08
C SER D 179 6.68 -1.56 -40.48
N SER D 180 7.12 -1.44 -41.73
CA SER D 180 8.41 -1.97 -42.12
C SER D 180 9.52 -1.36 -41.27
N GLY D 181 9.43 -0.06 -41.01
CA GLY D 181 10.40 0.59 -40.15
C GLY D 181 10.95 1.89 -40.71
N LEU D 182 10.68 2.16 -41.98
CA LEU D 182 11.21 3.33 -42.65
C LEU D 182 10.09 4.32 -42.95
N TYR D 183 10.36 5.60 -42.69
CA TYR D 183 9.39 6.64 -42.95
C TYR D 183 9.34 6.93 -44.45
N SER D 184 8.54 7.93 -44.83
CA SER D 184 8.48 8.38 -46.22
C SER D 184 7.93 9.80 -46.23
N LEU D 185 8.77 10.78 -46.53
CA LEU D 185 8.34 12.18 -46.51
C LEU D 185 8.43 12.78 -47.92
N SER D 186 8.01 14.03 -48.03
CA SER D 186 7.99 14.71 -49.32
C SER D 186 7.89 16.21 -49.07
N SER D 187 7.85 16.96 -50.17
CA SER D 187 7.65 18.40 -50.15
C SER D 187 6.74 18.78 -51.30
N VAL D 188 5.92 19.81 -51.09
CA VAL D 188 4.91 20.20 -52.06
C VAL D 188 5.12 21.64 -52.48
N VAL D 189 4.55 21.98 -53.64
CA VAL D 189 4.48 23.35 -54.13
C VAL D 189 3.18 23.51 -54.90
N THR D 190 2.32 24.41 -54.43
CA THR D 190 1.04 24.68 -55.07
C THR D 190 1.19 25.98 -55.88
N VAL D 191 1.33 25.84 -57.19
CA VAL D 191 1.64 26.96 -58.07
C VAL D 191 0.75 26.89 -59.30
N PRO D 192 0.20 28.00 -59.77
CA PRO D 192 -0.63 27.97 -60.99
C PRO D 192 0.17 27.49 -62.19
N SER D 193 -0.54 26.93 -63.17
CA SER D 193 0.06 26.34 -64.36
C SER D 193 0.77 27.37 -65.24
N SER D 194 0.63 28.67 -64.96
CA SER D 194 1.26 29.67 -65.81
C SER D 194 2.76 29.78 -65.53
N SER D 195 3.17 29.52 -64.30
CA SER D 195 4.57 29.67 -63.88
C SER D 195 5.18 28.34 -63.47
N LEU D 196 4.87 27.26 -64.21
CA LEU D 196 5.49 25.97 -63.95
C LEU D 196 6.81 25.81 -64.69
N GLY D 197 6.91 26.30 -65.92
CA GLY D 197 8.08 26.10 -66.73
C GLY D 197 9.07 27.25 -66.70
N THR D 198 8.60 28.43 -66.27
CA THR D 198 9.47 29.61 -66.23
C THR D 198 10.57 29.44 -65.20
N GLN D 199 10.21 29.27 -63.93
CA GLN D 199 11.18 29.09 -62.87
C GLN D 199 11.40 27.60 -62.62
N THR D 200 12.52 27.29 -61.96
CA THR D 200 12.89 25.93 -61.65
C THR D 200 12.66 25.63 -60.17
N TYR D 201 12.44 24.35 -59.87
CA TYR D 201 12.22 23.87 -58.52
C TYR D 201 13.26 22.81 -58.19
N ILE D 202 13.95 22.98 -57.07
CA ILE D 202 14.93 22.01 -56.58
C ILE D 202 14.61 21.70 -55.13
N CYS D 203 14.58 20.41 -54.78
CA CYS D 203 14.27 19.98 -53.43
C CYS D 203 15.56 19.62 -52.70
N ASN D 204 16.01 20.52 -51.82
CA ASN D 204 17.25 20.32 -51.07
C ASN D 204 16.96 19.42 -49.88
N VAL D 205 17.24 18.12 -50.05
CA VAL D 205 17.05 17.14 -48.99
C VAL D 205 18.30 17.06 -48.14
N ASN D 206 18.13 17.10 -46.82
CA ASN D 206 19.25 17.04 -45.89
C ASN D 206 18.91 16.05 -44.78
N HIS D 207 19.48 14.86 -44.86
CA HIS D 207 19.32 13.82 -43.85
C HIS D 207 20.47 13.98 -42.87
N LYS D 208 20.28 14.84 -41.87
CA LYS D 208 21.38 15.22 -40.99
C LYS D 208 21.93 14.07 -40.12
N PRO D 209 21.17 13.03 -39.74
CA PRO D 209 21.82 11.88 -39.10
C PRO D 209 22.81 11.18 -40.00
N SER D 210 22.66 11.32 -41.33
CA SER D 210 23.63 10.78 -42.29
C SER D 210 24.38 11.86 -43.03
N ASN D 211 23.90 13.11 -43.01
CA ASN D 211 24.59 14.24 -43.65
C ASN D 211 24.83 13.98 -45.14
N THR D 212 23.73 13.82 -45.88
CA THR D 212 23.79 13.61 -47.32
C THR D 212 22.95 14.66 -48.04
N LYS D 213 23.38 15.00 -49.24
CA LYS D 213 22.69 15.98 -50.09
C LYS D 213 22.23 15.26 -51.36
N VAL D 214 20.92 15.10 -51.50
CA VAL D 214 20.32 14.42 -52.64
C VAL D 214 19.25 15.33 -53.23
N ASP D 215 19.27 15.46 -54.56
CA ASP D 215 18.41 16.40 -55.27
C ASP D 215 17.75 15.71 -56.45
N LYS D 216 16.74 16.37 -57.01
CA LYS D 216 16.06 15.87 -58.19
C LYS D 216 15.29 17.02 -58.82
N LYS D 217 15.15 16.96 -60.15
CA LYS D 217 14.49 18.01 -60.93
C LYS D 217 13.14 17.48 -61.41
N VAL D 218 12.07 17.97 -60.80
CA VAL D 218 10.71 17.57 -61.14
C VAL D 218 10.15 18.53 -62.18
N GLU D 219 9.42 17.99 -63.17
CA GLU D 219 8.82 18.78 -64.22
C GLU D 219 7.52 18.12 -64.66
N PRO D 220 6.40 18.85 -64.67
CA PRO D 220 5.10 18.27 -65.04
C PRO D 220 5.00 17.90 -66.51
N ALA E 3 -6.25 4.70 -15.93
CA ALA E 3 -6.41 6.05 -16.47
C ALA E 3 -7.75 6.63 -16.08
N LEU E 4 -7.88 7.95 -16.16
CA LEU E 4 -9.10 8.64 -15.83
C LEU E 4 -9.98 8.80 -17.08
N THR E 5 -11.01 9.63 -16.98
CA THR E 5 -11.95 9.86 -18.06
C THR E 5 -11.88 11.31 -18.51
N GLN E 6 -11.66 11.50 -19.81
CA GLN E 6 -11.61 12.82 -20.42
C GLN E 6 -12.33 12.79 -21.76
N PRO E 7 -12.94 13.89 -22.17
CA PRO E 7 -13.53 13.94 -23.51
C PRO E 7 -12.45 13.98 -24.57
N ALA E 8 -12.61 13.13 -25.59
CA ALA E 8 -11.60 13.04 -26.64
C ALA E 8 -11.50 14.31 -27.47
N SER E 9 -12.53 15.16 -27.45
CA SER E 9 -12.48 16.41 -28.18
C SER E 9 -13.50 17.36 -27.59
N VAL E 10 -13.34 18.64 -27.91
CA VAL E 10 -14.24 19.68 -27.44
C VAL E 10 -13.98 20.93 -28.27
N SER E 11 -15.05 21.69 -28.53
CA SER E 11 -14.93 22.88 -29.36
C SER E 11 -15.94 23.92 -28.92
N GLY E 12 -15.74 25.14 -29.38
CA GLY E 12 -16.63 26.24 -29.05
C GLY E 12 -16.33 27.46 -29.88
N SER E 13 -17.09 28.52 -29.63
CA SER E 13 -16.96 29.80 -30.30
C SER E 13 -16.18 30.79 -29.43
N PRO E 14 -15.42 31.70 -30.05
CA PRO E 14 -14.70 32.70 -29.25
C PRO E 14 -15.66 33.53 -28.41
N GLY E 15 -15.29 33.75 -27.16
CA GLY E 15 -16.13 34.46 -26.22
C GLY E 15 -17.06 33.60 -25.41
N GLN E 16 -17.14 32.30 -25.71
CA GLN E 16 -18.02 31.42 -24.96
C GLN E 16 -17.34 30.90 -23.69
N SER E 17 -18.06 30.05 -22.97
CA SER E 17 -17.55 29.39 -21.78
C SER E 17 -17.72 27.88 -21.94
N ILE E 18 -16.64 27.15 -21.76
CA ILE E 18 -16.63 25.71 -21.99
C ILE E 18 -16.33 25.00 -20.67
N THR E 19 -16.80 23.76 -20.58
CA THR E 19 -16.54 22.89 -19.44
C THR E 19 -15.97 21.58 -19.95
N ILE E 20 -14.98 21.05 -19.23
CA ILE E 20 -14.34 19.78 -19.58
C ILE E 20 -14.39 18.86 -18.38
N SER E 21 -14.67 17.59 -18.63
CA SER E 21 -14.87 16.60 -17.58
C SER E 21 -13.60 15.80 -17.35
N CYS E 22 -13.29 15.54 -16.08
CA CYS E 22 -12.17 14.68 -15.69
C CYS E 22 -12.69 13.75 -14.60
N THR E 23 -13.02 12.53 -15.00
CA THR E 23 -13.68 11.58 -14.11
C THR E 23 -12.77 10.40 -13.82
N GLY E 24 -12.75 9.99 -12.55
CA GLY E 24 -12.01 8.81 -12.13
C GLY E 24 -12.80 7.98 -11.16
N THR E 25 -12.11 7.18 -10.35
CA THR E 25 -12.76 6.36 -9.33
C THR E 25 -12.97 7.20 -8.07
N SER E 26 -13.37 6.53 -6.99
CA SER E 26 -13.56 7.21 -5.72
C SER E 26 -12.32 7.16 -4.83
N SER E 27 -11.44 6.19 -5.05
CA SER E 27 -10.30 6.00 -4.16
C SER E 27 -9.33 7.17 -4.23
N ASP E 28 -9.22 7.84 -5.37
CA ASP E 28 -8.18 8.82 -5.58
C ASP E 28 -8.72 10.24 -5.71
N VAL E 29 -9.57 10.51 -6.70
CA VAL E 29 -10.03 11.88 -6.91
C VAL E 29 -11.19 12.19 -5.99
N GLY E 30 -11.99 11.20 -5.66
CA GLY E 30 -13.09 11.41 -4.74
C GLY E 30 -12.72 11.40 -3.28
N GLY E 31 -11.50 10.98 -2.96
CA GLY E 31 -11.10 10.86 -1.57
C GLY E 31 -10.18 11.96 -1.09
N TYR E 32 -9.60 12.72 -2.01
CA TYR E 32 -8.64 13.75 -1.64
C TYR E 32 -8.85 14.99 -2.49
N ASN E 33 -8.55 16.14 -1.89
CA ASN E 33 -8.53 17.41 -2.62
C ASN E 33 -7.17 17.57 -3.27
N TYR E 34 -6.92 16.74 -4.28
CA TYR E 34 -5.61 16.61 -4.89
C TYR E 34 -5.70 16.85 -6.38
N VAL E 35 -6.48 17.85 -6.77
CA VAL E 35 -6.68 18.20 -8.17
C VAL E 35 -5.40 18.79 -8.72
N SER E 36 -5.20 18.65 -10.02
CA SER E 36 -4.12 19.34 -10.70
C SER E 36 -4.40 19.36 -12.19
N TRP E 37 -4.37 20.56 -12.78
CA TRP E 37 -4.68 20.76 -14.18
C TRP E 37 -3.49 21.39 -14.88
N TYR E 38 -3.48 21.27 -16.21
CA TYR E 38 -2.32 21.69 -16.98
C TYR E 38 -2.75 22.23 -18.33
N GLN E 39 -1.82 22.95 -18.96
CA GLN E 39 -1.96 23.41 -20.33
C GLN E 39 -0.63 23.19 -21.05
N GLN E 40 -0.70 22.67 -22.27
CA GLN E 40 0.50 22.30 -23.01
C GLN E 40 0.35 22.75 -24.46
N HIS E 41 1.10 23.77 -24.86
CA HIS E 41 1.14 24.15 -26.26
C HIS E 41 1.83 23.06 -27.08
N PRO E 42 1.53 22.99 -28.38
CA PRO E 42 2.10 21.91 -29.20
C PRO E 42 3.61 21.98 -29.23
N GLY E 43 4.25 20.87 -28.86
CA GLY E 43 5.69 20.75 -28.90
C GLY E 43 6.43 21.47 -27.80
N LYS E 44 5.75 22.23 -26.95
CA LYS E 44 6.39 22.97 -25.88
C LYS E 44 6.34 22.18 -24.57
N ALA E 45 6.76 22.84 -23.50
CA ALA E 45 6.75 22.21 -22.19
C ALA E 45 5.46 22.57 -21.45
N PRO E 46 4.87 21.62 -20.73
CA PRO E 46 3.62 21.89 -20.03
C PRO E 46 3.78 22.98 -18.98
N LYS E 47 2.64 23.54 -18.57
CA LYS E 47 2.61 24.63 -17.60
C LYS E 47 1.49 24.36 -16.61
N LEU E 48 1.79 24.52 -15.32
CA LEU E 48 0.79 24.26 -14.29
C LEU E 48 -0.25 25.37 -14.29
N MET E 49 -1.52 25.00 -14.23
CA MET E 49 -2.63 25.94 -14.24
C MET E 49 -3.48 25.88 -12.97
N ILE E 50 -3.88 24.70 -12.54
CA ILE E 50 -4.75 24.52 -11.38
C ILE E 50 -4.21 23.38 -10.54
N TYR E 51 -4.22 23.54 -9.22
CA TYR E 51 -3.80 22.48 -8.33
C TYR E 51 -4.66 22.43 -7.07
N ASP E 52 -5.29 21.27 -6.88
CA ASP E 52 -5.96 20.76 -5.68
C ASP E 52 -7.33 21.34 -5.33
N VAL E 53 -7.69 22.53 -5.80
CA VAL E 53 -9.11 22.82 -5.96
C VAL E 53 -9.33 23.70 -7.18
N SER E 54 -8.84 24.94 -7.09
CA SER E 54 -8.83 25.94 -8.14
C SER E 54 -7.61 26.84 -8.06
N LYS E 55 -6.58 26.41 -7.33
CA LYS E 55 -5.45 27.26 -7.01
C LYS E 55 -4.58 27.43 -8.25
N ARG E 56 -4.12 28.67 -8.47
CA ARG E 56 -3.43 29.02 -9.69
C ARG E 56 -2.00 29.46 -9.37
N PRO E 57 -1.01 28.98 -10.13
CA PRO E 57 0.34 29.52 -9.98
C PRO E 57 0.36 30.99 -10.35
N SER E 58 1.25 31.73 -9.69
CA SER E 58 1.36 33.15 -9.94
C SER E 58 1.81 33.40 -11.38
N GLY E 59 0.91 34.01 -12.17
CA GLY E 59 1.18 34.32 -13.57
C GLY E 59 0.02 34.05 -14.50
N VAL E 60 -0.77 33.04 -14.19
CA VAL E 60 -1.93 32.71 -15.03
C VAL E 60 -3.10 33.60 -14.63
N SER E 61 -3.89 34.01 -15.63
CA SER E 61 -5.01 34.90 -15.37
C SER E 61 -6.11 34.20 -14.60
N ASN E 62 -7.01 35.00 -14.04
CA ASN E 62 -8.13 34.49 -13.27
C ASN E 62 -9.23 33.90 -14.13
N ARG E 63 -9.13 33.99 -15.46
CA ARG E 63 -10.18 33.45 -16.32
C ARG E 63 -10.31 31.94 -16.20
N PHE E 64 -9.23 31.25 -15.82
CA PHE E 64 -9.31 29.81 -15.61
C PHE E 64 -10.07 29.51 -14.33
N SER E 65 -10.74 28.36 -14.32
CA SER E 65 -11.54 27.96 -13.17
C SER E 65 -11.85 26.47 -13.27
N GLY E 66 -11.64 25.75 -12.17
CA GLY E 66 -11.91 24.32 -12.15
C GLY E 66 -12.58 23.91 -10.86
N SER E 67 -13.13 22.71 -10.87
CA SER E 67 -13.80 22.16 -9.70
C SER E 67 -13.90 20.65 -9.86
N LYS E 68 -14.37 19.99 -8.80
CA LYS E 68 -14.47 18.54 -8.76
C LYS E 68 -15.73 18.16 -7.99
N SER E 69 -16.41 17.12 -8.46
CA SER E 69 -17.63 16.63 -7.83
C SER E 69 -17.63 15.11 -7.85
N GLY E 70 -17.94 14.51 -6.71
CA GLY E 70 -18.00 13.06 -6.61
C GLY E 70 -16.69 12.41 -7.01
N ASN E 71 -16.67 11.77 -8.18
CA ASN E 71 -15.46 11.26 -8.78
C ASN E 71 -15.18 11.93 -10.11
N THR E 72 -15.63 13.17 -10.27
CA THR E 72 -15.53 13.90 -11.52
C THR E 72 -14.90 15.25 -11.25
N ALA E 73 -13.87 15.60 -12.03
CA ALA E 73 -13.24 16.91 -11.98
C ALA E 73 -13.65 17.71 -13.21
N SER E 74 -13.91 19.00 -13.00
CA SER E 74 -14.43 19.85 -14.06
C SER E 74 -13.59 21.12 -14.14
N LEU E 75 -13.25 21.52 -15.36
CA LEU E 75 -12.50 22.73 -15.61
C LEU E 75 -13.32 23.63 -16.53
N THR E 76 -13.50 24.88 -16.13
CA THR E 76 -14.36 25.81 -16.85
C THR E 76 -13.58 27.04 -17.25
N ILE E 77 -13.59 27.36 -18.55
CA ILE E 77 -12.92 28.52 -19.10
C ILE E 77 -13.97 29.58 -19.41
N SER E 78 -13.63 30.83 -19.20
CA SER E 78 -14.50 31.96 -19.51
C SER E 78 -13.84 32.86 -20.55
N GLY E 79 -14.59 33.19 -21.60
CA GLY E 79 -14.06 34.04 -22.65
C GLY E 79 -13.02 33.36 -23.51
N LEU E 80 -13.44 32.40 -24.33
CA LEU E 80 -12.52 31.67 -25.19
C LEU E 80 -11.71 32.63 -26.06
N GLN E 81 -10.47 32.21 -26.36
CA GLN E 81 -9.58 32.99 -27.20
C GLN E 81 -8.83 32.04 -28.12
N SER E 82 -8.21 32.61 -29.16
CA SER E 82 -7.49 31.79 -30.12
C SER E 82 -6.27 31.15 -29.50
N GLU E 83 -5.55 31.87 -28.64
CA GLU E 83 -4.35 31.34 -28.04
C GLU E 83 -4.65 30.19 -27.08
N ASP E 84 -5.78 30.26 -26.37
CA ASP E 84 -6.12 29.20 -25.42
C ASP E 84 -6.48 27.89 -26.10
N GLU E 85 -6.54 27.87 -27.43
CA GLU E 85 -6.81 26.64 -28.17
C GLU E 85 -5.59 25.74 -28.07
N ALA E 86 -5.63 24.79 -27.14
CA ALA E 86 -4.55 23.85 -26.91
C ALA E 86 -5.06 22.73 -26.01
N ASP E 87 -4.22 21.72 -25.84
CA ASP E 87 -4.60 20.55 -25.06
C ASP E 87 -4.73 20.89 -23.58
N TYR E 88 -5.40 20.02 -22.84
CA TYR E 88 -5.57 20.18 -21.41
C TYR E 88 -5.52 18.82 -20.72
N TYR E 89 -4.87 18.77 -19.56
CA TYR E 89 -4.61 17.52 -18.86
C TYR E 89 -4.90 17.68 -17.38
N CYS E 90 -5.52 16.66 -16.79
CA CYS E 90 -5.78 16.64 -15.35
C CYS E 90 -4.99 15.51 -14.68
N ASN E 91 -4.85 15.63 -13.37
CA ASN E 91 -3.96 14.77 -12.59
C ASN E 91 -4.33 14.85 -11.12
N SER E 92 -4.06 13.76 -10.40
CA SER E 92 -4.34 13.71 -8.97
C SER E 92 -3.61 12.52 -8.36
N LEU E 93 -3.73 12.40 -7.04
CA LEU E 93 -2.95 11.46 -6.24
C LEU E 93 -3.47 10.02 -6.42
N THR E 94 -2.64 9.07 -6.00
CA THR E 94 -2.85 7.65 -6.28
C THR E 94 -2.55 6.80 -5.05
N SER E 95 -3.29 7.00 -3.96
CA SER E 95 -2.96 6.47 -2.64
C SER E 95 -2.76 4.96 -2.61
N ILE E 96 -2.84 4.30 -3.75
CA ILE E 96 -2.54 2.88 -3.85
C ILE E 96 -1.04 2.73 -4.16
N SER E 97 -0.29 3.81 -3.93
CA SER E 97 1.16 3.83 -4.09
C SER E 97 1.55 3.67 -5.56
N THR E 98 0.97 4.53 -6.38
CA THR E 98 1.31 4.67 -7.80
C THR E 98 1.09 6.14 -8.15
N TRP E 99 1.01 6.45 -9.44
CA TRP E 99 0.59 7.77 -9.89
C TRP E 99 -0.21 7.63 -11.18
N VAL E 100 -1.05 8.63 -11.46
CA VAL E 100 -2.00 8.54 -12.56
C VAL E 100 -2.26 9.93 -13.13
N PHE E 101 -2.49 9.98 -14.45
CA PHE E 101 -2.86 11.18 -15.18
C PHE E 101 -4.28 11.06 -15.71
N GLY E 102 -4.86 12.20 -16.07
CA GLY E 102 -6.20 12.19 -16.60
C GLY E 102 -6.33 11.50 -17.95
N GLY E 103 -5.77 12.10 -18.99
CA GLY E 103 -5.90 11.55 -20.33
C GLY E 103 -5.70 12.60 -21.41
N GLY E 104 -6.57 12.63 -22.41
CA GLY E 104 -6.43 13.58 -23.49
C GLY E 104 -7.69 14.37 -23.77
N THR E 105 -7.53 15.67 -24.03
CA THR E 105 -8.67 16.53 -24.32
C THR E 105 -8.17 17.67 -25.21
N LYS E 106 -8.44 17.57 -26.51
CA LYS E 106 -8.07 18.62 -27.45
C LYS E 106 -9.20 19.63 -27.54
N LEU E 107 -8.87 20.91 -27.33
CA LEU E 107 -9.82 22.00 -27.42
C LEU E 107 -9.54 22.81 -28.68
N THR E 108 -10.60 23.16 -29.40
CA THR E 108 -10.49 23.91 -30.65
C THR E 108 -11.58 24.97 -30.69
N VAL E 109 -11.18 26.23 -30.50
CA VAL E 109 -12.12 27.35 -30.56
C VAL E 109 -12.31 27.71 -32.03
N LEU E 110 -13.50 27.40 -32.57
CA LEU E 110 -13.78 27.60 -33.97
C LEU E 110 -14.14 29.06 -34.22
N GLY E 111 -13.38 29.72 -35.09
CA GLY E 111 -13.68 31.08 -35.49
C GLY E 111 -14.11 31.17 -36.93
N GLN E 112 -13.56 30.28 -37.78
CA GLN E 112 -13.94 30.20 -39.19
C GLN E 112 -14.76 28.95 -39.44
N PRO E 113 -15.70 28.99 -40.40
CA PRO E 113 -16.63 27.87 -40.59
C PRO E 113 -15.97 26.56 -41.00
N LYS E 114 -15.26 26.56 -42.13
CA LYS E 114 -14.73 25.33 -42.71
C LYS E 114 -13.84 25.63 -43.91
N ALA E 115 -12.92 24.72 -44.23
CA ALA E 115 -12.03 24.85 -45.38
C ALA E 115 -12.03 23.56 -46.18
N ALA E 116 -12.02 23.69 -47.50
CA ALA E 116 -12.02 22.62 -48.50
C ALA E 116 -10.60 22.26 -48.90
N PRO E 117 -10.30 20.97 -49.07
CA PRO E 117 -8.90 20.55 -49.25
C PRO E 117 -8.37 20.83 -50.64
N SER E 118 -7.05 20.97 -50.72
CA SER E 118 -6.32 21.06 -51.97
C SER E 118 -5.55 19.76 -52.15
N VAL E 119 -6.01 18.93 -53.09
CA VAL E 119 -5.48 17.59 -53.28
C VAL E 119 -4.63 17.56 -54.55
N THR E 120 -3.49 16.87 -54.48
CA THR E 120 -2.59 16.74 -55.61
C THR E 120 -2.28 15.26 -55.80
N LEU E 121 -2.19 14.84 -57.07
CA LEU E 121 -1.91 13.46 -57.43
C LEU E 121 -0.77 13.43 -58.43
N PHE E 122 0.12 12.44 -58.28
CA PHE E 122 1.26 12.29 -59.16
C PHE E 122 1.41 10.83 -59.55
N PRO E 123 1.63 10.53 -60.82
CA PRO E 123 2.05 9.19 -61.20
C PRO E 123 3.39 8.86 -60.59
N PRO E 124 3.67 7.59 -60.32
CA PRO E 124 4.96 7.24 -59.71
C PRO E 124 6.11 7.59 -60.62
N SER E 125 7.23 8.01 -60.02
CA SER E 125 8.38 8.43 -60.78
C SER E 125 8.86 7.33 -61.72
N SER E 126 9.45 7.75 -62.84
CA SER E 126 9.97 6.79 -63.81
C SER E 126 11.05 5.91 -63.20
N GLU E 127 11.78 6.44 -62.21
CA GLU E 127 12.85 5.65 -61.60
C GLU E 127 12.31 4.65 -60.58
N GLU E 128 11.12 4.90 -60.04
CA GLU E 128 10.55 3.97 -59.07
C GLU E 128 10.08 2.68 -59.74
N LEU E 129 9.49 2.79 -60.94
CA LEU E 129 8.99 1.61 -61.62
C LEU E 129 10.12 0.67 -62.04
N GLN E 130 11.32 1.22 -62.29
CA GLN E 130 12.44 0.38 -62.70
C GLN E 130 12.92 -0.55 -61.58
N ALA E 131 12.57 -0.25 -60.34
CA ALA E 131 12.92 -1.09 -59.20
C ALA E 131 11.77 -1.97 -58.74
N ASN E 132 10.85 -2.32 -59.66
CA ASN E 132 9.68 -3.14 -59.35
C ASN E 132 8.85 -2.55 -58.22
N LYS E 133 8.75 -1.22 -58.18
CA LYS E 133 8.02 -0.53 -57.13
C LYS E 133 7.10 0.50 -57.77
N ALA E 134 5.86 0.57 -57.25
CA ALA E 134 4.88 1.54 -57.73
C ALA E 134 4.00 1.93 -56.56
N THR E 135 4.34 3.03 -55.90
CA THR E 135 3.59 3.53 -54.75
C THR E 135 2.84 4.79 -55.18
N LEU E 136 1.60 4.61 -55.60
CA LEU E 136 0.76 5.75 -55.97
C LEU E 136 0.55 6.64 -54.75
N VAL E 137 0.95 7.91 -54.88
CA VAL E 137 0.97 8.85 -53.76
C VAL E 137 0.09 10.03 -54.13
N CYS E 138 -0.86 10.36 -53.26
CA CYS E 138 -1.75 11.48 -53.44
C CYS E 138 -1.58 12.42 -52.25
N LEU E 139 -1.23 13.67 -52.54
CA LEU E 139 -0.89 14.64 -51.50
C LEU E 139 -2.05 15.61 -51.31
N ILE E 140 -2.43 15.83 -50.05
CA ILE E 140 -3.60 16.61 -49.69
C ILE E 140 -3.15 17.78 -48.83
N SER E 141 -3.82 18.92 -48.97
CA SER E 141 -3.45 20.10 -48.18
C SER E 141 -4.66 21.02 -48.04
N ASP E 142 -4.55 21.94 -47.07
CA ASP E 142 -5.43 23.10 -46.97
C ASP E 142 -6.87 22.72 -46.64
N PHE E 143 -7.06 21.79 -45.72
CA PHE E 143 -8.41 21.43 -45.30
C PHE E 143 -8.60 21.73 -43.81
N TYR E 144 -9.85 21.97 -43.43
CA TYR E 144 -10.18 22.31 -42.06
C TYR E 144 -11.65 22.04 -41.80
N PRO E 145 -12.02 21.45 -40.66
CA PRO E 145 -11.10 20.99 -39.61
C PRO E 145 -10.38 19.69 -39.96
N GLY E 146 -9.78 19.06 -38.95
CA GLY E 146 -8.95 17.90 -39.18
C GLY E 146 -9.71 16.66 -39.56
N ALA E 147 -10.28 16.63 -40.76
CA ALA E 147 -11.04 15.48 -41.25
C ALA E 147 -10.62 15.19 -42.69
N VAL E 148 -9.82 14.14 -42.87
CA VAL E 148 -9.46 13.61 -44.18
C VAL E 148 -9.17 12.12 -44.06
N THR E 149 -9.81 11.33 -44.92
CA THR E 149 -9.53 9.91 -45.06
C THR E 149 -9.18 9.60 -46.50
N VAL E 150 -8.42 8.53 -46.70
CA VAL E 150 -7.94 8.15 -48.02
C VAL E 150 -8.78 7.00 -48.54
N ALA E 151 -9.19 7.08 -49.80
CA ALA E 151 -9.93 6.02 -50.47
C ALA E 151 -9.58 6.06 -51.96
N TRP E 152 -8.59 5.26 -52.35
CA TRP E 152 -8.15 5.26 -53.75
C TRP E 152 -9.21 4.66 -54.64
N LYS E 153 -9.38 5.25 -55.83
CA LYS E 153 -10.41 4.85 -56.78
C LYS E 153 -9.75 4.30 -58.04
N ALA E 154 -9.97 3.02 -58.31
CA ALA E 154 -9.51 2.40 -59.55
C ALA E 154 -10.50 2.72 -60.67
N ASP E 155 -10.39 2.00 -61.79
CA ASP E 155 -11.31 2.22 -62.90
C ASP E 155 -12.75 2.03 -62.46
N SER E 156 -13.09 0.85 -61.94
CA SER E 156 -14.48 0.56 -61.61
C SER E 156 -14.64 -0.20 -60.29
N SER E 157 -13.62 -0.19 -59.42
CA SER E 157 -13.72 -0.89 -58.15
C SER E 157 -12.93 -0.16 -57.08
N PRO E 158 -13.45 -0.08 -55.85
CA PRO E 158 -12.70 0.56 -54.78
C PRO E 158 -11.49 -0.26 -54.39
N VAL E 159 -10.48 0.43 -53.86
CA VAL E 159 -9.24 -0.21 -53.43
C VAL E 159 -8.71 0.48 -52.18
N LYS E 160 -8.31 -0.33 -51.21
CA LYS E 160 -7.64 0.18 -50.02
C LYS E 160 -6.49 -0.73 -49.59
N ALA E 161 -5.96 -1.54 -50.50
CA ALA E 161 -4.98 -2.56 -50.12
C ALA E 161 -3.66 -1.91 -49.75
N GLY E 162 -3.23 -2.11 -48.51
CA GLY E 162 -1.97 -1.57 -48.04
C GLY E 162 -1.93 -0.06 -48.10
N VAL E 163 -2.87 0.59 -47.44
CA VAL E 163 -2.95 2.05 -47.43
C VAL E 163 -2.23 2.58 -46.20
N GLU E 164 -1.68 3.79 -46.33
CA GLU E 164 -1.03 4.49 -45.21
C GLU E 164 -1.94 5.66 -44.84
N THR E 165 -2.92 5.38 -43.98
CA THR E 165 -3.89 6.39 -43.56
C THR E 165 -3.28 7.27 -42.48
N THR E 166 -3.57 8.56 -42.55
CA THR E 166 -2.91 9.56 -41.72
C THR E 166 -3.91 10.29 -40.84
N THR E 167 -3.47 10.65 -39.64
CA THR E 167 -4.23 11.54 -38.78
C THR E 167 -3.97 12.99 -39.19
N PRO E 168 -5.03 13.76 -39.45
CA PRO E 168 -4.84 15.11 -40.00
C PRO E 168 -3.99 15.99 -39.09
N SER E 169 -3.08 16.74 -39.69
CA SER E 169 -2.18 17.64 -38.99
C SER E 169 -2.43 19.05 -39.48
N LYS E 170 -2.67 19.98 -38.54
CA LYS E 170 -2.98 21.35 -38.90
C LYS E 170 -1.79 22.00 -39.60
N GLN E 171 -2.04 22.54 -40.79
CA GLN E 171 -0.99 23.23 -41.53
C GLN E 171 -0.94 24.70 -41.09
N SER E 172 -0.20 25.52 -41.83
CA SER E 172 0.17 26.85 -41.33
C SER E 172 -0.96 27.86 -41.49
N ASN E 173 -1.80 27.71 -42.52
CA ASN E 173 -2.79 28.72 -42.85
C ASN E 173 -4.14 28.48 -42.16
N ASN E 174 -4.11 27.90 -40.94
CA ASN E 174 -5.32 27.56 -40.19
C ASN E 174 -6.15 26.53 -40.91
N LYS E 175 -5.47 25.62 -41.61
CA LYS E 175 -6.06 24.44 -42.24
C LYS E 175 -5.18 23.24 -41.91
N TYR E 176 -5.45 22.12 -42.57
CA TYR E 176 -4.70 20.89 -42.34
C TYR E 176 -4.14 20.38 -43.66
N ALA E 177 -3.34 19.32 -43.58
CA ALA E 177 -2.67 18.77 -44.74
C ALA E 177 -2.27 17.32 -44.46
N ALA E 178 -2.14 16.53 -45.52
CA ALA E 178 -1.89 15.10 -45.36
C ALA E 178 -1.24 14.53 -46.62
N SER E 179 -0.72 13.31 -46.48
CA SER E 179 -0.10 12.57 -47.58
C SER E 179 -0.75 11.21 -47.70
N SER E 180 -0.40 10.49 -48.76
CA SER E 180 -0.92 9.16 -49.00
C SER E 180 0.12 8.31 -49.71
N TYR E 181 -0.03 6.99 -49.58
CA TYR E 181 0.82 6.03 -50.27
C TYR E 181 -0.01 4.79 -50.56
N LEU E 182 -0.18 4.47 -51.83
CA LEU E 182 -0.98 3.31 -52.26
C LEU E 182 -0.03 2.19 -52.65
N SER E 183 -0.22 1.02 -52.03
CA SER E 183 0.64 -0.14 -52.25
C SER E 183 -0.14 -1.20 -53.02
N LEU E 184 -0.09 -1.12 -54.34
CA LEU E 184 -0.60 -2.17 -55.22
C LEU E 184 0.56 -2.71 -56.06
N THR E 185 0.38 -3.91 -56.58
CA THR E 185 1.42 -4.54 -57.37
C THR E 185 1.57 -3.82 -58.71
N PRO E 186 2.75 -3.93 -59.34
CA PRO E 186 2.91 -3.31 -60.67
C PRO E 186 1.91 -3.83 -61.69
N GLU E 187 1.49 -5.10 -61.58
CA GLU E 187 0.44 -5.59 -62.44
C GLU E 187 -0.90 -4.92 -62.14
N GLN E 188 -1.09 -4.43 -60.92
CA GLN E 188 -2.25 -3.62 -60.61
C GLN E 188 -2.11 -2.19 -61.11
N TRP E 189 -0.88 -1.68 -61.18
CA TRP E 189 -0.67 -0.29 -61.55
C TRP E 189 -0.85 -0.06 -63.05
N LYS E 190 -0.40 -0.99 -63.89
CA LYS E 190 -0.43 -0.78 -65.33
C LYS E 190 -1.70 -1.31 -65.99
N SER E 191 -2.25 -2.41 -65.49
CA SER E 191 -3.41 -3.03 -66.14
C SER E 191 -4.66 -2.16 -66.03
N HIS E 192 -4.70 -1.21 -65.11
CA HIS E 192 -5.87 -0.36 -64.96
C HIS E 192 -5.84 0.79 -65.96
N ARG E 193 -7.03 1.23 -66.36
CA ARG E 193 -7.14 2.30 -67.35
C ARG E 193 -6.70 3.63 -66.76
N SER E 194 -7.28 4.02 -65.62
CA SER E 194 -6.95 5.29 -65.00
C SER E 194 -7.26 5.22 -63.52
N TYR E 195 -6.24 5.38 -62.69
CA TYR E 195 -6.40 5.41 -61.25
C TYR E 195 -6.82 6.81 -60.81
N SER E 196 -7.81 6.87 -59.93
CA SER E 196 -8.35 8.13 -59.44
C SER E 196 -8.10 8.26 -57.95
N CYS E 197 -7.81 9.48 -57.52
CA CYS E 197 -7.60 9.80 -56.11
C CYS E 197 -8.88 10.41 -55.56
N GLN E 198 -9.50 9.73 -54.61
CA GLN E 198 -10.76 10.17 -54.02
C GLN E 198 -10.56 10.36 -52.52
N VAL E 199 -10.79 11.57 -52.04
CA VAL E 199 -10.61 11.92 -50.64
C VAL E 199 -11.95 12.37 -50.07
N THR E 200 -12.08 12.29 -48.75
CA THR E 200 -13.27 12.74 -48.05
C THR E 200 -12.82 13.68 -46.93
N HIS E 201 -13.27 14.93 -47.00
CA HIS E 201 -12.98 15.92 -45.97
C HIS E 201 -14.26 16.64 -45.61
N GLU E 202 -14.76 16.39 -44.40
CA GLU E 202 -16.01 17.00 -43.92
C GLU E 202 -17.15 16.77 -44.91
N GLY E 203 -17.12 15.62 -45.57
CA GLY E 203 -18.08 15.32 -46.62
C GLY E 203 -17.74 15.83 -47.99
N SER E 204 -16.67 16.61 -48.12
CA SER E 204 -16.27 17.17 -49.42
C SER E 204 -15.31 16.21 -50.11
N THR E 205 -15.47 16.07 -51.43
CA THR E 205 -14.67 15.16 -52.23
C THR E 205 -14.27 15.86 -53.53
N VAL E 206 -12.98 15.87 -53.82
CA VAL E 206 -12.44 16.41 -55.07
C VAL E 206 -11.74 15.28 -55.81
N GLU E 207 -12.08 15.11 -57.08
CA GLU E 207 -11.61 13.98 -57.88
C GLU E 207 -10.33 14.37 -58.61
N LYS E 208 -9.32 13.51 -58.51
CA LYS E 208 -8.07 13.63 -59.24
C LYS E 208 -7.68 12.25 -59.75
N THR E 209 -7.58 12.10 -61.07
CA THR E 209 -7.30 10.81 -61.68
C THR E 209 -5.92 10.84 -62.33
N VAL E 210 -5.25 9.69 -62.32
CA VAL E 210 -3.96 9.53 -62.98
C VAL E 210 -4.08 8.41 -64.01
N ALA E 211 -3.34 8.57 -65.11
CA ALA E 211 -3.34 7.59 -66.19
C ALA E 211 -1.91 7.21 -66.52
N PRO E 212 -1.67 5.94 -66.86
CA PRO E 212 -0.30 5.54 -67.22
C PRO E 212 0.12 6.14 -68.55
N THR E 213 1.16 6.96 -68.51
CA THR E 213 1.66 7.62 -69.70
C THR E 213 3.10 7.21 -69.99
#